data_2M29
#
_entry.id   2M29
#
loop_
_entity.id
_entity.type
_entity.pdbx_description
1 polymer 'Calcium-binding protein 4'
2 non-polymer 'CALCIUM ION'
#
_entity_poly.entity_id   1
_entity_poly.type   'polypeptide(L)'
_entity_poly.pdbx_seq_one_letter_code
;QDAAQRTYGPLLNRMFGKDRELGPEELEELQAAFEEFDTDQDGYIGYRELGDCMRTLGYMPTEMELLEVSQHVKMRMGGF
VDFEEFVELISPKLREETAHMLGVRELRIAFREFDKDRDGRITVAELRQAAPALLGEPLEGTELDEMLREMDLNGDGTID
FDEFVMMLSTG
;
_entity_poly.pdbx_strand_id   A
#
loop_
_chem_comp.id
_chem_comp.type
_chem_comp.name
_chem_comp.formula
CA non-polymer 'CALCIUM ION' 'Ca 2'
#
# COMPACT_ATOMS: atom_id res chain seq x y z
N ARG A 20 1.93 -17.24 14.09
CA ARG A 20 3.20 -16.52 14.36
C ARG A 20 4.26 -16.94 13.36
N GLU A 21 4.13 -18.18 12.85
CA GLU A 21 5.09 -18.69 11.90
C GLU A 21 5.10 -17.84 10.63
N LEU A 22 3.91 -17.39 10.22
CA LEU A 22 3.80 -16.57 9.02
C LEU A 22 4.01 -15.10 9.37
N GLY A 23 4.97 -14.47 8.69
CA GLY A 23 5.27 -13.07 8.93
C GLY A 23 6.47 -12.63 8.10
N PRO A 24 7.63 -13.18 8.37
CA PRO A 24 8.87 -12.82 7.63
C PRO A 24 8.68 -12.92 6.11
N GLU A 25 7.96 -13.95 5.68
CA GLU A 25 7.73 -14.15 4.25
C GLU A 25 6.83 -13.06 3.69
N GLU A 26 5.71 -12.82 4.36
CA GLU A 26 4.77 -11.81 3.93
C GLU A 26 5.35 -10.42 4.11
N LEU A 27 5.93 -10.18 5.28
CA LEU A 27 6.47 -8.87 5.58
C LEU A 27 7.52 -8.50 4.53
N GLU A 28 8.48 -9.40 4.34
CA GLU A 28 9.53 -9.16 3.37
C GLU A 28 8.93 -9.02 1.97
N GLU A 29 7.89 -9.80 1.70
CA GLU A 29 7.24 -9.76 0.41
C GLU A 29 6.66 -8.37 0.15
N LEU A 30 6.01 -7.82 1.16
CA LEU A 30 5.42 -6.50 1.03
C LEU A 30 6.49 -5.45 0.78
N GLN A 31 7.62 -5.59 1.46
CA GLN A 31 8.73 -4.67 1.30
C GLN A 31 9.23 -4.69 -0.12
N ALA A 32 9.35 -5.87 -0.69
CA ALA A 32 9.83 -6.02 -2.06
C ALA A 32 8.93 -5.26 -3.01
N ALA A 33 7.63 -5.27 -2.72
CA ALA A 33 6.66 -4.57 -3.56
C ALA A 33 6.89 -3.06 -3.49
N PHE A 34 7.10 -2.56 -2.28
CA PHE A 34 7.32 -1.13 -2.08
C PHE A 34 8.52 -0.68 -2.92
N GLU A 35 9.55 -1.51 -2.96
CA GLU A 35 10.74 -1.18 -3.74
C GLU A 35 10.39 -0.98 -5.21
N GLU A 36 9.53 -1.85 -5.72
CA GLU A 36 9.11 -1.76 -7.11
C GLU A 36 8.21 -0.54 -7.32
N PHE A 37 7.34 -0.29 -6.36
CA PHE A 37 6.42 0.83 -6.43
C PHE A 37 7.18 2.14 -6.26
N ASP A 38 8.17 2.14 -5.36
CA ASP A 38 8.96 3.34 -5.10
C ASP A 38 10.20 3.35 -5.97
N THR A 39 10.05 3.83 -7.20
CA THR A 39 11.16 3.89 -8.14
C THR A 39 12.22 4.86 -7.66
N ASP A 40 11.77 5.97 -7.09
CA ASP A 40 12.68 6.99 -6.59
C ASP A 40 13.15 6.64 -5.18
N GLN A 41 12.66 5.52 -4.66
CA GLN A 41 13.04 5.08 -3.32
C GLN A 41 13.03 6.25 -2.34
N ASP A 42 12.00 7.09 -2.44
CA ASP A 42 11.89 8.25 -1.57
C ASP A 42 11.31 7.83 -0.22
N GLY A 43 10.95 6.56 -0.10
CA GLY A 43 10.39 6.05 1.15
C GLY A 43 8.93 6.47 1.29
N TYR A 44 8.40 7.09 0.24
CA TYR A 44 7.01 7.55 0.26
C TYR A 44 6.36 7.34 -1.10
N ILE A 45 5.10 6.94 -1.09
CA ILE A 45 4.35 6.70 -2.34
C ILE A 45 3.03 7.47 -2.32
N GLY A 46 2.39 7.55 -3.48
CA GLY A 46 1.12 8.25 -3.59
C GLY A 46 0.05 7.58 -2.73
N TYR A 47 -1.14 7.41 -3.29
CA TYR A 47 -2.25 6.78 -2.58
C TYR A 47 -2.94 5.76 -3.47
N ARG A 48 -2.99 6.04 -4.75
CA ARG A 48 -3.63 5.12 -5.70
C ARG A 48 -2.77 3.89 -5.91
N GLU A 49 -1.45 4.09 -5.92
CA GLU A 49 -0.52 2.98 -6.13
C GLU A 49 -0.73 1.89 -5.08
N LEU A 50 -1.35 2.25 -3.96
CA LEU A 50 -1.60 1.30 -2.89
C LEU A 50 -2.50 0.18 -3.39
N GLY A 51 -3.53 0.54 -4.15
CA GLY A 51 -4.47 -0.45 -4.68
C GLY A 51 -3.74 -1.45 -5.57
N ASP A 52 -2.90 -0.94 -6.45
CA ASP A 52 -2.14 -1.80 -7.36
C ASP A 52 -1.21 -2.70 -6.59
N CYS A 53 -1.06 -2.42 -5.29
CA CYS A 53 -0.19 -3.23 -4.43
C CYS A 53 -0.94 -4.43 -3.88
N MET A 54 -2.21 -4.22 -3.54
CA MET A 54 -3.04 -5.30 -3.00
C MET A 54 -3.20 -6.40 -4.04
N ARG A 55 -3.33 -6.02 -5.30
CA ARG A 55 -3.51 -6.99 -6.37
C ARG A 55 -2.29 -7.91 -6.45
N THR A 56 -1.11 -7.35 -6.22
CA THR A 56 0.11 -8.13 -6.28
C THR A 56 0.09 -9.26 -5.27
N LEU A 57 -0.96 -9.30 -4.49
CA LEU A 57 -1.10 -10.34 -3.45
C LEU A 57 -1.84 -11.56 -3.99
N GLY A 58 -2.15 -11.51 -5.27
CA GLY A 58 -2.86 -12.60 -5.93
C GLY A 58 -4.36 -12.36 -5.94
N TYR A 59 -4.83 -11.57 -4.98
CA TYR A 59 -6.26 -11.26 -4.88
C TYR A 59 -6.52 -9.82 -5.31
N MET A 60 -7.53 -9.65 -6.17
CA MET A 60 -7.86 -8.32 -6.66
C MET A 60 -8.83 -7.63 -5.71
N PRO A 61 -8.73 -6.33 -5.54
CA PRO A 61 -9.63 -5.55 -4.65
C PRO A 61 -11.03 -5.40 -5.24
N THR A 62 -11.98 -5.10 -4.37
CA THR A 62 -13.36 -4.93 -4.81
C THR A 62 -13.54 -3.62 -5.55
N GLU A 63 -13.89 -2.57 -4.82
CA GLU A 63 -14.09 -1.25 -5.44
C GLU A 63 -14.36 -0.20 -4.36
N MET A 64 -15.22 -0.54 -3.41
CA MET A 64 -15.57 0.38 -2.34
C MET A 64 -14.45 0.44 -1.30
N GLU A 65 -13.74 -0.67 -1.14
CA GLU A 65 -12.64 -0.74 -0.17
C GLU A 65 -11.54 0.25 -0.55
N LEU A 66 -11.21 0.30 -1.83
CA LEU A 66 -10.18 1.23 -2.30
C LEU A 66 -10.74 2.63 -2.42
N LEU A 67 -12.06 2.74 -2.54
CA LEU A 67 -12.69 4.05 -2.67
C LEU A 67 -12.44 4.90 -1.43
N GLU A 68 -12.67 4.31 -0.27
CA GLU A 68 -12.49 5.03 0.99
C GLU A 68 -11.04 5.49 1.12
N VAL A 69 -10.12 4.67 0.62
CA VAL A 69 -8.70 5.00 0.69
C VAL A 69 -8.41 6.29 -0.08
N SER A 70 -9.01 6.41 -1.25
CA SER A 70 -8.80 7.60 -2.08
C SER A 70 -9.20 8.86 -1.32
N GLN A 71 -10.20 8.73 -0.45
CA GLN A 71 -10.67 9.87 0.34
C GLN A 71 -9.75 10.10 1.54
N HIS A 72 -9.00 9.07 1.91
CA HIS A 72 -8.09 9.16 3.04
C HIS A 72 -7.09 10.30 2.82
N VAL A 73 -7.01 10.80 1.60
CA VAL A 73 -6.10 11.88 1.27
C VAL A 73 -6.57 13.17 1.92
N LYS A 74 -7.85 13.22 2.27
CA LYS A 74 -8.43 14.40 2.89
C LYS A 74 -8.35 15.61 1.96
N MET A 75 -7.53 15.48 0.91
CA MET A 75 -7.35 16.56 -0.07
C MET A 75 -7.18 16.00 -1.47
N ARG A 76 -7.54 16.78 -2.46
CA ARG A 76 -7.43 16.35 -3.85
C ARG A 76 -5.96 16.16 -4.23
N MET A 77 -5.09 17.02 -3.71
CA MET A 77 -3.66 16.92 -3.99
C MET A 77 -3.18 15.50 -3.82
N GLY A 78 -1.90 15.26 -4.12
CA GLY A 78 -1.32 13.93 -3.99
C GLY A 78 -0.80 13.71 -2.58
N GLY A 79 -1.44 12.77 -1.88
CA GLY A 79 -1.02 12.46 -0.50
C GLY A 79 0.25 11.64 -0.48
N PHE A 80 0.83 11.42 0.71
CA PHE A 80 2.05 10.64 0.84
C PHE A 80 1.86 9.52 1.86
N VAL A 81 2.40 8.34 1.55
CA VAL A 81 2.28 7.18 2.44
C VAL A 81 3.60 6.42 2.51
N ASP A 82 4.06 6.18 3.72
CA ASP A 82 5.31 5.44 3.92
C ASP A 82 5.02 3.95 4.01
N PHE A 83 6.09 3.16 4.09
CA PHE A 83 5.94 1.71 4.19
C PHE A 83 5.20 1.33 5.46
N GLU A 84 5.50 2.03 6.54
CA GLU A 84 4.85 1.76 7.81
C GLU A 84 3.46 2.37 7.85
N GLU A 85 3.14 3.22 6.87
CA GLU A 85 1.84 3.86 6.80
C GLU A 85 0.93 3.05 5.88
N PHE A 86 1.53 2.46 4.85
CA PHE A 86 0.78 1.66 3.90
C PHE A 86 0.40 0.31 4.53
N VAL A 87 1.35 -0.29 5.23
CA VAL A 87 1.11 -1.58 5.86
C VAL A 87 0.02 -1.46 6.92
N GLU A 88 0.10 -0.42 7.72
CA GLU A 88 -0.89 -0.20 8.77
C GLU A 88 -2.29 -0.09 8.17
N LEU A 89 -2.35 0.19 6.87
CA LEU A 89 -3.63 0.32 6.19
C LEU A 89 -4.09 -1.01 5.63
N ILE A 90 -3.18 -1.71 4.97
CA ILE A 90 -3.50 -3.00 4.37
C ILE A 90 -3.78 -4.03 5.46
N SER A 91 -3.12 -3.88 6.59
CA SER A 91 -3.29 -4.81 7.69
C SER A 91 -3.12 -6.25 7.21
CA CA B . 8.46 6.77 -4.43
N ARG A 20 4.75 -19.53 12.73
CA ARG A 20 4.86 -20.12 11.36
C ARG A 20 3.84 -19.45 10.44
N GLU A 21 2.57 -19.54 10.80
CA GLU A 21 1.51 -18.94 10.00
C GLU A 21 1.79 -17.47 9.76
N LEU A 22 2.48 -16.84 10.72
CA LEU A 22 2.80 -15.43 10.61
C LEU A 22 4.31 -15.21 10.74
N GLY A 23 5.02 -15.36 9.62
CA GLY A 23 6.46 -15.17 9.60
C GLY A 23 6.84 -13.88 8.89
N PRO A 24 8.10 -13.53 8.93
CA PRO A 24 8.61 -12.31 8.26
C PRO A 24 8.72 -12.47 6.75
N GLU A 25 8.52 -13.71 6.29
CA GLU A 25 8.61 -14.00 4.86
C GLU A 25 7.57 -13.19 4.09
N GLU A 26 6.34 -13.18 4.60
CA GLU A 26 5.26 -12.44 3.96
C GLU A 26 5.49 -10.94 4.10
N LEU A 27 5.79 -10.50 5.32
CA LEU A 27 6.05 -9.09 5.57
C LEU A 27 7.17 -8.59 4.67
N GLU A 28 8.25 -9.37 4.58
CA GLU A 28 9.38 -8.99 3.75
C GLU A 28 8.96 -8.90 2.28
N GLU A 29 8.05 -9.78 1.88
CA GLU A 29 7.57 -9.80 0.50
C GLU A 29 6.95 -8.45 0.15
N LEU A 30 6.27 -7.84 1.12
CA LEU A 30 5.64 -6.55 0.91
C LEU A 30 6.69 -5.48 0.64
N GLN A 31 7.81 -5.57 1.34
CA GLN A 31 8.88 -4.61 1.17
C GLN A 31 9.42 -4.64 -0.26
N ALA A 32 9.59 -5.85 -0.78
CA ALA A 32 10.09 -6.00 -2.15
C ALA A 32 9.19 -5.26 -3.13
N ALA A 33 7.89 -5.27 -2.87
CA ALA A 33 6.93 -4.58 -3.73
C ALA A 33 7.15 -3.08 -3.65
N PHE A 34 7.33 -2.57 -2.44
CA PHE A 34 7.55 -1.15 -2.23
C PHE A 34 8.74 -0.68 -3.07
N GLU A 35 9.80 -1.47 -3.09
CA GLU A 35 10.99 -1.13 -3.86
C GLU A 35 10.64 -1.01 -5.35
N GLU A 36 9.77 -1.92 -5.81
CA GLU A 36 9.36 -1.90 -7.21
C GLU A 36 8.44 -0.73 -7.48
N PHE A 37 7.62 -0.39 -6.49
CA PHE A 37 6.69 0.73 -6.62
C PHE A 37 7.35 2.04 -6.20
N ASP A 38 8.60 1.94 -5.75
CA ASP A 38 9.33 3.13 -5.32
C ASP A 38 10.69 3.19 -6.01
N THR A 39 10.68 3.69 -7.24
CA THR A 39 11.92 3.80 -8.01
C THR A 39 12.84 4.84 -7.38
N ASP A 40 12.27 5.92 -6.88
CA ASP A 40 13.06 6.97 -6.26
C ASP A 40 13.52 6.55 -4.86
N GLN A 41 12.99 5.42 -4.40
CA GLN A 41 13.37 4.91 -3.08
C GLN A 41 13.39 6.04 -2.05
N ASP A 42 12.37 6.89 -2.09
CA ASP A 42 12.29 8.00 -1.15
C ASP A 42 11.68 7.56 0.17
N GLY A 43 11.27 6.29 0.23
CA GLY A 43 10.66 5.76 1.45
C GLY A 43 9.19 6.15 1.54
N TYR A 44 8.69 6.81 0.50
CA TYR A 44 7.30 7.24 0.48
C TYR A 44 6.72 7.11 -0.92
N ILE A 45 5.43 6.81 -1.00
CA ILE A 45 4.76 6.68 -2.29
C ILE A 45 3.53 7.57 -2.35
N GLY A 46 2.99 7.75 -3.54
CA GLY A 46 1.81 8.59 -3.73
C GLY A 46 0.53 7.77 -3.58
N TYR A 47 -0.48 8.12 -4.38
CA TYR A 47 -1.75 7.40 -4.34
C TYR A 47 -1.86 6.42 -5.49
N ARG A 48 -3.09 6.01 -5.80
CA ARG A 48 -3.32 5.08 -6.89
C ARG A 48 -2.54 3.78 -6.67
N GLU A 49 -1.23 3.85 -6.83
CA GLU A 49 -0.38 2.67 -6.65
C GLU A 49 -0.80 1.92 -5.38
N LEU A 50 -1.51 2.60 -4.49
CA LEU A 50 -1.95 1.98 -3.26
C LEU A 50 -2.77 0.74 -3.54
N GLY A 51 -3.78 0.88 -4.41
CA GLY A 51 -4.62 -0.24 -4.77
C GLY A 51 -3.83 -1.31 -5.51
N ASP A 52 -2.98 -0.88 -6.43
CA ASP A 52 -2.16 -1.81 -7.21
C ASP A 52 -1.31 -2.67 -6.28
N CYS A 53 -0.73 -2.05 -5.27
CA CYS A 53 0.11 -2.77 -4.32
C CYS A 53 -0.70 -3.82 -3.57
N MET A 54 -1.97 -3.52 -3.31
CA MET A 54 -2.84 -4.45 -2.61
C MET A 54 -3.01 -5.74 -3.40
N ARG A 55 -3.15 -5.60 -4.72
CA ARG A 55 -3.32 -6.76 -5.58
C ARG A 55 -2.06 -7.61 -5.58
N THR A 56 -0.94 -7.01 -5.19
CA THR A 56 0.33 -7.71 -5.14
C THR A 56 0.28 -8.85 -4.13
N LEU A 57 -0.85 -8.96 -3.43
CA LEU A 57 -1.02 -10.02 -2.44
C LEU A 57 -2.49 -10.38 -2.30
N GLY A 58 -3.23 -10.33 -3.40
CA GLY A 58 -4.64 -10.65 -3.38
C GLY A 58 -5.47 -9.45 -2.92
N TYR A 59 -6.73 -9.70 -2.59
CA TYR A 59 -7.62 -8.64 -2.12
C TYR A 59 -8.70 -9.21 -1.22
N MET A 60 -9.46 -8.32 -0.59
CA MET A 60 -10.54 -8.74 0.30
C MET A 60 -11.65 -7.70 0.34
N PRO A 61 -11.33 -6.51 0.78
CA PRO A 61 -12.31 -5.39 0.85
C PRO A 61 -12.88 -5.04 -0.51
N THR A 62 -14.17 -4.69 -0.54
CA THR A 62 -14.83 -4.34 -1.80
C THR A 62 -14.17 -3.11 -2.41
N GLU A 63 -14.18 -3.03 -3.73
CA GLU A 63 -13.61 -1.88 -4.43
C GLU A 63 -14.29 -0.59 -3.97
N MET A 64 -15.45 -0.72 -3.35
CA MET A 64 -16.19 0.44 -2.86
C MET A 64 -15.54 0.99 -1.60
N GLU A 65 -14.99 0.09 -0.78
CA GLU A 65 -14.35 0.50 0.46
C GLU A 65 -13.00 1.16 0.16
N LEU A 66 -12.30 0.64 -0.85
CA LEU A 66 -11.00 1.19 -1.23
C LEU A 66 -11.16 2.62 -1.73
N LEU A 67 -12.20 2.87 -2.50
CA LEU A 67 -12.46 4.20 -3.03
C LEU A 67 -12.58 5.22 -1.91
N GLU A 68 -13.12 4.78 -0.78
CA GLU A 68 -13.29 5.66 0.38
C GLU A 68 -11.93 6.01 0.98
N VAL A 69 -11.05 5.02 1.06
CA VAL A 69 -9.72 5.23 1.62
C VAL A 69 -8.91 6.19 0.73
N SER A 70 -9.03 6.02 -0.57
CA SER A 70 -8.30 6.86 -1.52
C SER A 70 -8.67 8.33 -1.32
N GLN A 71 -9.96 8.59 -1.12
CA GLN A 71 -10.43 9.96 -0.93
C GLN A 71 -9.95 10.49 0.42
N HIS A 72 -9.90 9.61 1.41
CA HIS A 72 -9.46 10.00 2.75
C HIS A 72 -8.06 10.60 2.69
N VAL A 73 -7.19 9.97 1.91
CA VAL A 73 -5.81 10.46 1.78
C VAL A 73 -5.79 11.83 1.13
N LYS A 74 -6.60 12.01 0.09
CA LYS A 74 -6.67 13.28 -0.61
C LYS A 74 -7.18 14.37 0.31
N MET A 75 -8.19 14.04 1.12
CA MET A 75 -8.76 15.00 2.05
C MET A 75 -7.73 15.44 3.08
N ARG A 76 -6.93 14.50 3.56
CA ARG A 76 -5.90 14.80 4.55
C ARG A 76 -4.79 15.63 3.92
N MET A 77 -5.04 16.92 3.76
CA MET A 77 -4.04 17.81 3.16
C MET A 77 -3.22 17.07 2.11
N GLY A 78 -3.86 16.12 1.43
CA GLY A 78 -3.17 15.34 0.41
C GLY A 78 -1.89 14.72 0.95
N GLY A 79 -1.95 14.23 2.18
CA GLY A 79 -0.79 13.61 2.81
C GLY A 79 -0.34 12.37 2.04
N PHE A 80 0.90 11.96 2.27
CA PHE A 80 1.43 10.78 1.59
C PHE A 80 1.31 9.56 2.49
N VAL A 81 1.82 8.42 2.00
CA VAL A 81 1.77 7.19 2.78
C VAL A 81 3.09 6.44 2.70
N ASP A 82 3.72 6.24 3.85
CA ASP A 82 4.99 5.53 3.90
C ASP A 82 4.77 4.02 3.78
N PHE A 83 5.87 3.27 3.66
CA PHE A 83 5.77 1.82 3.54
C PHE A 83 5.16 1.21 4.80
N GLU A 84 5.33 1.89 5.92
CA GLU A 84 4.79 1.41 7.19
C GLU A 84 3.33 1.81 7.34
N GLU A 85 2.99 2.97 6.78
CA GLU A 85 1.61 3.46 6.86
C GLU A 85 0.71 2.66 5.93
N PHE A 86 1.19 2.40 4.72
CA PHE A 86 0.43 1.63 3.75
C PHE A 86 0.18 0.21 4.26
N VAL A 87 1.22 -0.40 4.81
CA VAL A 87 1.10 -1.75 5.34
C VAL A 87 0.17 -1.78 6.55
N GLU A 88 0.36 -0.82 7.45
CA GLU A 88 -0.45 -0.75 8.66
C GLU A 88 -1.91 -1.07 8.34
N LEU A 89 -2.38 -0.60 7.19
CA LEU A 89 -3.76 -0.85 6.78
C LEU A 89 -4.02 -2.35 6.63
N ILE A 90 -3.06 -3.05 6.03
CA ILE A 90 -3.21 -4.48 5.81
C ILE A 90 -2.74 -5.27 7.04
N SER A 91 -1.76 -4.70 7.75
CA SER A 91 -1.23 -5.35 8.94
C SER A 91 -2.10 -5.04 10.16
CA CA B . 8.59 6.22 -3.95
N ARG A 20 3.12 -11.21 15.16
CA ARG A 20 1.64 -11.38 15.03
C ARG A 20 1.34 -12.76 14.46
N GLU A 21 0.07 -12.98 14.11
CA GLU A 21 -0.34 -14.25 13.56
C GLU A 21 0.38 -14.52 12.24
N LEU A 22 0.62 -13.45 11.48
CA LEU A 22 1.31 -13.58 10.20
C LEU A 22 2.80 -13.80 10.42
N GLY A 23 3.48 -14.29 9.39
CA GLY A 23 4.92 -14.55 9.48
C GLY A 23 5.71 -13.40 8.86
N PRO A 24 6.96 -13.27 9.23
CA PRO A 24 7.85 -12.19 8.69
C PRO A 24 8.10 -12.37 7.20
N GLU A 25 8.11 -13.61 6.74
CA GLU A 25 8.35 -13.89 5.33
C GLU A 25 7.36 -13.11 4.46
N GLU A 26 6.09 -13.18 4.82
CA GLU A 26 5.06 -12.47 4.07
C GLU A 26 5.32 -10.97 4.14
N LEU A 27 5.63 -10.48 5.32
CA LEU A 27 5.89 -9.05 5.50
C LEU A 27 7.03 -8.62 4.60
N GLU A 28 8.08 -9.44 4.54
CA GLU A 28 9.23 -9.13 3.71
C GLU A 28 8.82 -9.05 2.24
N GLU A 29 7.88 -9.90 1.86
CA GLU A 29 7.41 -9.92 0.48
C GLU A 29 6.78 -8.59 0.13
N LEU A 30 6.01 -8.04 1.06
CA LEU A 30 5.35 -6.75 0.84
C LEU A 30 6.39 -5.65 0.66
N GLN A 31 7.45 -5.71 1.46
CA GLN A 31 8.50 -4.71 1.38
C GLN A 31 9.19 -4.76 0.02
N ALA A 32 9.43 -5.97 -0.46
CA ALA A 32 10.09 -6.14 -1.75
C ALA A 32 9.27 -5.48 -2.85
N ALA A 33 7.95 -5.60 -2.74
CA ALA A 33 7.06 -5.00 -3.74
C ALA A 33 7.11 -3.48 -3.64
N PHE A 34 7.08 -2.96 -2.41
CA PHE A 34 7.12 -1.53 -2.19
C PHE A 34 8.37 -0.94 -2.83
N GLU A 35 9.41 -1.77 -2.97
CA GLU A 35 10.66 -1.31 -3.57
C GLU A 35 10.44 -0.93 -5.03
N GLU A 36 9.63 -1.71 -5.73
CA GLU A 36 9.34 -1.44 -7.13
C GLU A 36 8.47 -0.20 -7.27
N PHE A 37 7.48 -0.09 -6.40
CA PHE A 37 6.57 1.05 -6.43
C PHE A 37 7.30 2.32 -6.03
N ASP A 38 8.22 2.21 -5.08
CA ASP A 38 8.98 3.36 -4.62
C ASP A 38 10.08 3.71 -5.62
N THR A 39 9.69 4.41 -6.69
CA THR A 39 10.65 4.81 -7.71
C THR A 39 11.55 5.93 -7.21
N ASP A 40 10.96 6.83 -6.45
CA ASP A 40 11.71 7.97 -5.91
C ASP A 40 12.50 7.56 -4.68
N GLN A 41 12.36 6.30 -4.27
CA GLN A 41 13.07 5.80 -3.10
C GLN A 41 13.08 6.83 -1.99
N ASP A 42 12.09 7.71 -2.00
CA ASP A 42 11.98 8.76 -0.99
C ASP A 42 11.29 8.22 0.27
N GLY A 43 10.89 6.96 0.22
CA GLY A 43 10.22 6.34 1.36
C GLY A 43 8.73 6.65 1.34
N TYR A 44 8.27 7.26 0.26
CA TYR A 44 6.85 7.61 0.12
C TYR A 44 6.39 7.43 -1.32
N ILE A 45 5.11 7.14 -1.49
CA ILE A 45 4.55 6.94 -2.84
C ILE A 45 3.26 7.74 -2.99
N GLY A 46 2.83 7.91 -4.23
CA GLY A 46 1.60 8.66 -4.51
C GLY A 46 0.38 7.74 -4.48
N TYR A 47 -0.71 8.24 -3.91
CA TYR A 47 -1.94 7.45 -3.83
C TYR A 47 -2.29 6.88 -5.20
N ARG A 48 -3.47 6.28 -5.30
CA ARG A 48 -3.93 5.67 -6.55
C ARG A 48 -3.10 4.43 -6.86
N GLU A 49 -1.80 4.50 -6.57
CA GLU A 49 -0.91 3.37 -6.82
C GLU A 49 -1.06 2.33 -5.73
N LEU A 50 -1.66 2.73 -4.61
CA LEU A 50 -1.86 1.81 -3.50
C LEU A 50 -2.79 0.68 -3.90
N GLY A 51 -3.84 1.01 -4.64
CA GLY A 51 -4.80 0.01 -5.08
C GLY A 51 -4.12 -1.08 -5.89
N ASP A 52 -3.29 -0.69 -6.85
CA ASP A 52 -2.58 -1.66 -7.68
C ASP A 52 -1.67 -2.52 -6.82
N CYS A 53 -0.95 -1.90 -5.90
CA CYS A 53 -0.04 -2.62 -5.02
C CYS A 53 -0.82 -3.62 -4.16
N MET A 54 -2.04 -3.25 -3.80
CA MET A 54 -2.87 -4.12 -2.98
C MET A 54 -3.20 -5.41 -3.73
N ARG A 55 -3.10 -5.36 -5.05
CA ARG A 55 -3.40 -6.53 -5.87
C ARG A 55 -2.16 -7.40 -6.04
N THR A 56 -0.99 -6.80 -5.80
CA THR A 56 0.26 -7.52 -5.93
C THR A 56 0.29 -8.77 -5.04
N LEU A 57 -0.72 -8.89 -4.21
CA LEU A 57 -0.83 -10.02 -3.28
C LEU A 57 -1.90 -10.98 -3.73
N GLY A 58 -2.51 -10.69 -4.86
CA GLY A 58 -3.56 -11.55 -5.42
C GLY A 58 -4.92 -10.86 -5.34
N TYR A 59 -5.86 -11.52 -4.65
CA TYR A 59 -7.20 -10.97 -4.51
C TYR A 59 -7.18 -9.79 -3.55
N MET A 60 -7.95 -8.76 -3.87
CA MET A 60 -8.01 -7.57 -3.05
C MET A 60 -9.47 -7.18 -2.74
N PRO A 61 -9.71 -6.59 -1.59
CA PRO A 61 -11.08 -6.16 -1.19
C PRO A 61 -11.82 -5.45 -2.33
N THR A 62 -13.14 -5.46 -2.25
CA THR A 62 -13.96 -4.83 -3.28
C THR A 62 -13.49 -3.39 -3.52
N GLU A 63 -13.72 -2.90 -4.74
CA GLU A 63 -13.29 -1.56 -5.09
C GLU A 63 -13.94 -0.54 -4.16
N MET A 64 -15.10 -0.89 -3.63
CA MET A 64 -15.81 0.02 -2.72
C MET A 64 -14.97 0.30 -1.48
N GLU A 65 -14.22 -0.70 -1.04
CA GLU A 65 -13.37 -0.53 0.13
C GLU A 65 -12.15 0.32 -0.21
N LEU A 66 -11.56 0.06 -1.37
CA LEU A 66 -10.40 0.81 -1.83
C LEU A 66 -10.77 2.27 -2.07
N LEU A 67 -11.98 2.49 -2.56
CA LEU A 67 -12.43 3.84 -2.85
C LEU A 67 -12.38 4.69 -1.58
N GLU A 68 -12.81 4.11 -0.47
CA GLU A 68 -12.82 4.83 0.80
C GLU A 68 -11.39 5.19 1.21
N VAL A 69 -10.46 4.30 0.91
CA VAL A 69 -9.05 4.53 1.24
C VAL A 69 -8.51 5.72 0.47
N SER A 70 -8.88 5.81 -0.80
CA SER A 70 -8.42 6.91 -1.64
C SER A 70 -8.72 8.25 -0.98
N GLN A 71 -9.88 8.36 -0.35
CA GLN A 71 -10.27 9.59 0.32
C GLN A 71 -9.39 9.84 1.54
N HIS A 72 -8.73 8.79 2.01
CA HIS A 72 -7.85 8.92 3.17
C HIS A 72 -6.85 10.04 2.97
N VAL A 73 -6.80 10.58 1.75
CA VAL A 73 -5.89 11.67 1.42
C VAL A 73 -6.32 12.95 2.12
N LYS A 74 -7.57 12.97 2.60
CA LYS A 74 -8.11 14.15 3.28
C LYS A 74 -8.17 15.33 2.32
N MET A 75 -7.00 15.82 1.93
CA MET A 75 -6.93 16.95 1.01
C MET A 75 -7.62 16.62 -0.31
N ARG A 76 -6.92 15.94 -1.20
CA ARG A 76 -7.49 15.56 -2.49
C ARG A 76 -6.52 14.69 -3.28
N MET A 77 -5.25 15.06 -3.27
CA MET A 77 -4.23 14.32 -3.99
C MET A 77 -2.84 14.84 -3.65
N GLY A 78 -1.86 13.94 -3.63
CA GLY A 78 -0.47 14.32 -3.33
C GLY A 78 -0.14 14.04 -1.89
N GLY A 79 -0.83 13.07 -1.30
CA GLY A 79 -0.59 12.71 0.10
C GLY A 79 0.72 11.93 0.24
N PHE A 80 1.15 11.69 1.49
CA PHE A 80 2.40 10.96 1.72
C PHE A 80 2.11 9.71 2.55
N VAL A 81 2.60 8.57 2.08
CA VAL A 81 2.40 7.30 2.78
C VAL A 81 3.66 6.45 2.71
N ASP A 82 4.19 6.10 3.88
CA ASP A 82 5.40 5.28 3.94
C ASP A 82 5.01 3.79 3.99
N PHE A 83 6.02 2.93 3.98
CA PHE A 83 5.79 1.50 4.04
C PHE A 83 5.06 1.12 5.33
N GLU A 84 5.48 1.71 6.43
CA GLU A 84 4.86 1.43 7.71
C GLU A 84 3.43 1.92 7.75
N GLU A 85 3.18 3.08 7.15
CA GLU A 85 1.84 3.65 7.12
C GLU A 85 0.97 2.90 6.13
N PHE A 86 1.54 2.56 4.99
CA PHE A 86 0.82 1.83 3.97
C PHE A 86 0.42 0.45 4.50
N VAL A 87 1.37 -0.23 5.13
CA VAL A 87 1.13 -1.57 5.66
C VAL A 87 0.13 -1.50 6.80
N GLU A 88 0.31 -0.51 7.68
CA GLU A 88 -0.58 -0.36 8.83
C GLU A 88 -2.04 -0.56 8.42
N LEU A 89 -2.40 0.02 7.28
CA LEU A 89 -3.77 -0.10 6.80
C LEU A 89 -4.11 -1.56 6.52
N ILE A 90 -3.20 -2.27 5.88
CA ILE A 90 -3.42 -3.68 5.55
C ILE A 90 -3.37 -4.52 6.81
N SER A 91 -2.53 -4.12 7.77
CA SER A 91 -2.41 -4.86 9.02
C SER A 91 -3.56 -4.54 9.96
CA CA B . 10.26 6.67 -2.03
N ARG A 20 6.13 -19.79 13.21
CA ARG A 20 6.23 -19.36 11.78
C ARG A 20 4.83 -19.16 11.21
N GLU A 21 4.27 -20.22 10.62
CA GLU A 21 2.94 -20.15 10.03
C GLU A 21 2.84 -18.94 9.11
N LEU A 22 3.78 -18.83 8.18
CA LEU A 22 3.78 -17.72 7.23
C LEU A 22 3.71 -16.38 7.97
N GLY A 23 4.83 -15.67 7.96
CA GLY A 23 4.90 -14.38 8.62
C GLY A 23 6.01 -13.52 8.03
N PRO A 24 7.24 -13.87 8.31
CA PRO A 24 8.43 -13.12 7.79
C PRO A 24 8.52 -13.19 6.27
N GLU A 25 8.08 -14.31 5.71
CA GLU A 25 8.11 -14.48 4.27
C GLU A 25 7.14 -13.52 3.59
N GLU A 26 5.99 -13.32 4.22
CA GLU A 26 4.99 -12.42 3.68
C GLU A 26 5.35 -10.97 3.96
N LEU A 27 5.68 -10.68 5.21
CA LEU A 27 6.02 -9.33 5.60
C LEU A 27 7.17 -8.81 4.75
N GLU A 28 8.21 -9.60 4.62
CA GLU A 28 9.36 -9.20 3.82
C GLU A 28 8.96 -9.02 2.37
N GLU A 29 8.02 -9.85 1.90
CA GLU A 29 7.56 -9.76 0.53
C GLU A 29 6.96 -8.39 0.26
N LEU A 30 6.25 -7.86 1.24
CA LEU A 30 5.63 -6.55 1.10
C LEU A 30 6.69 -5.48 0.90
N GLN A 31 7.79 -5.60 1.63
CA GLN A 31 8.88 -4.63 1.52
C GLN A 31 9.52 -4.70 0.14
N ALA A 32 9.77 -5.91 -0.33
CA ALA A 32 10.36 -6.10 -1.65
C ALA A 32 9.47 -5.50 -2.72
N ALA A 33 8.16 -5.65 -2.55
CA ALA A 33 7.22 -5.12 -3.52
C ALA A 33 7.30 -3.60 -3.56
N PHE A 34 7.38 -2.99 -2.37
CA PHE A 34 7.47 -1.53 -2.29
C PHE A 34 8.56 -1.01 -3.22
N GLU A 35 9.50 -1.88 -3.56
CA GLU A 35 10.59 -1.49 -4.44
C GLU A 35 10.07 -1.26 -5.85
N GLU A 36 9.05 -2.02 -6.23
CA GLU A 36 8.48 -1.91 -7.57
C GLU A 36 7.77 -0.57 -7.72
N PHE A 37 7.10 -0.15 -6.65
CA PHE A 37 6.37 1.12 -6.68
C PHE A 37 7.25 2.25 -6.14
N ASP A 38 8.48 1.90 -5.78
CA ASP A 38 9.42 2.90 -5.26
C ASP A 38 10.85 2.44 -5.46
N THR A 39 11.32 2.52 -6.70
CA THR A 39 12.69 2.12 -7.01
C THR A 39 13.70 3.03 -6.33
N ASP A 40 13.40 4.32 -6.33
CA ASP A 40 14.29 5.31 -5.71
C ASP A 40 14.19 5.24 -4.20
N GLN A 41 13.21 4.49 -3.70
CA GLN A 41 13.02 4.34 -2.27
C GLN A 41 12.93 5.71 -1.60
N ASP A 42 11.95 6.51 -2.02
CA ASP A 42 11.76 7.83 -1.46
C ASP A 42 11.05 7.76 -0.11
N GLY A 43 10.65 6.54 0.27
CA GLY A 43 9.96 6.34 1.54
C GLY A 43 8.48 6.66 1.40
N TYR A 44 8.07 7.10 0.22
CA TYR A 44 6.67 7.43 -0.03
C TYR A 44 6.29 7.10 -1.47
N ILE A 45 5.01 6.83 -1.70
CA ILE A 45 4.52 6.51 -3.04
C ILE A 45 3.30 7.37 -3.39
N GLY A 46 3.11 7.60 -4.67
CA GLY A 46 1.98 8.41 -5.13
C GLY A 46 0.67 7.71 -4.84
N TYR A 47 -0.35 8.48 -4.48
CA TYR A 47 -1.66 7.92 -4.17
C TYR A 47 -2.15 7.06 -5.32
N ARG A 48 -3.42 6.67 -5.26
CA ARG A 48 -4.01 5.84 -6.30
C ARG A 48 -3.29 4.50 -6.39
N GLU A 49 -2.05 4.54 -6.86
CA GLU A 49 -1.26 3.32 -7.00
C GLU A 49 -1.21 2.57 -5.67
N LEU A 50 -1.54 3.27 -4.59
CA LEU A 50 -1.52 2.66 -3.27
C LEU A 50 -2.48 1.48 -3.22
N GLY A 51 -3.64 1.64 -3.86
CA GLY A 51 -4.64 0.58 -3.89
C GLY A 51 -4.18 -0.59 -4.75
N ASP A 52 -3.61 -0.27 -5.91
CA ASP A 52 -3.13 -1.29 -6.83
C ASP A 52 -1.99 -2.09 -6.21
N CYS A 53 -1.16 -1.41 -5.44
CA CYS A 53 -0.02 -2.06 -4.80
C CYS A 53 -0.49 -3.19 -3.89
N MET A 54 -1.61 -2.95 -3.22
CA MET A 54 -2.16 -3.96 -2.31
C MET A 54 -2.51 -5.23 -3.08
N ARG A 55 -3.04 -5.07 -4.28
CA ARG A 55 -3.41 -6.22 -5.09
C ARG A 55 -2.18 -6.99 -5.54
N THR A 56 -1.05 -6.30 -5.54
CA THR A 56 0.21 -6.93 -5.94
C THR A 56 0.45 -8.23 -5.19
N LEU A 57 -0.45 -8.52 -4.27
CA LEU A 57 -0.35 -9.75 -3.47
C LEU A 57 -1.74 -10.30 -3.13
N GLY A 58 -2.63 -10.24 -4.11
CA GLY A 58 -3.99 -10.73 -3.92
C GLY A 58 -4.73 -9.89 -2.88
N TYR A 59 -5.51 -10.55 -2.03
CA TYR A 59 -6.26 -9.87 -1.00
C TYR A 59 -7.16 -8.81 -1.60
N MET A 60 -7.17 -8.72 -2.94
CA MET A 60 -7.99 -7.74 -3.65
C MET A 60 -9.31 -7.51 -2.91
N PRO A 61 -9.40 -6.46 -2.13
CA PRO A 61 -10.63 -6.14 -1.36
C PRO A 61 -11.88 -6.14 -2.24
N THR A 62 -13.02 -5.85 -1.63
CA THR A 62 -14.28 -5.82 -2.37
C THR A 62 -14.12 -5.03 -3.66
N GLU A 63 -14.47 -3.75 -3.60
CA GLU A 63 -14.36 -2.89 -4.78
C GLU A 63 -14.71 -1.45 -4.41
N MET A 64 -15.59 -1.28 -3.43
CA MET A 64 -15.99 0.06 -2.99
C MET A 64 -15.10 0.54 -1.86
N GLU A 65 -14.55 -0.41 -1.09
CA GLU A 65 -13.67 -0.08 0.01
C GLU A 65 -12.40 0.60 -0.51
N LEU A 66 -11.93 0.15 -1.67
CA LEU A 66 -10.73 0.72 -2.26
C LEU A 66 -10.92 2.20 -2.55
N LEU A 67 -12.08 2.54 -3.07
CA LEU A 67 -12.38 3.94 -3.39
C LEU A 67 -12.36 4.79 -2.13
N GLU A 68 -12.83 4.22 -1.04
CA GLU A 68 -12.87 4.93 0.23
C GLU A 68 -11.45 5.25 0.71
N VAL A 69 -10.55 4.27 0.56
CA VAL A 69 -9.17 4.45 0.98
C VAL A 69 -8.48 5.52 0.16
N SER A 70 -8.75 5.50 -1.15
CA SER A 70 -8.15 6.47 -2.06
C SER A 70 -8.54 7.90 -1.66
N GLN A 71 -9.80 8.08 -1.29
CA GLN A 71 -10.29 9.39 -0.90
C GLN A 71 -9.61 9.86 0.39
N HIS A 72 -9.37 8.93 1.31
CA HIS A 72 -8.72 9.26 2.57
C HIS A 72 -7.35 9.87 2.32
N VAL A 73 -6.56 9.21 1.47
CA VAL A 73 -5.23 9.69 1.15
C VAL A 73 -5.30 10.98 0.34
N LYS A 74 -6.20 11.00 -0.63
CA LYS A 74 -6.37 12.17 -1.48
C LYS A 74 -7.38 13.14 -0.86
N MET A 75 -6.87 14.16 -0.19
CA MET A 75 -7.73 15.16 0.44
C MET A 75 -7.06 16.54 0.44
N ARG A 76 -7.63 17.46 1.19
CA ARG A 76 -7.08 18.82 1.26
C ARG A 76 -5.67 18.79 1.81
N MET A 77 -5.44 18.00 2.85
CA MET A 77 -4.12 17.91 3.45
C MET A 77 -3.14 17.24 2.49
N GLY A 78 -3.61 16.22 1.79
CA GLY A 78 -2.77 15.51 0.83
C GLY A 78 -1.64 14.79 1.54
N GLY A 79 -1.96 14.08 2.61
CA GLY A 79 -0.95 13.35 3.37
C GLY A 79 -0.41 12.17 2.58
N PHE A 80 0.88 11.84 2.77
CA PHE A 80 1.49 10.74 2.07
C PHE A 80 1.38 9.46 2.89
N VAL A 81 1.88 8.35 2.32
CA VAL A 81 1.83 7.07 3.01
C VAL A 81 3.13 6.30 2.80
N ASP A 82 3.86 6.08 3.89
CA ASP A 82 5.12 5.35 3.82
C ASP A 82 4.87 3.85 3.91
N PHE A 83 5.93 3.07 3.89
CA PHE A 83 5.81 1.62 3.96
C PHE A 83 5.16 1.20 5.27
N GLU A 84 5.59 1.79 6.37
CA GLU A 84 5.05 1.46 7.68
C GLU A 84 3.60 1.89 7.79
N GLU A 85 3.29 3.06 7.24
CA GLU A 85 1.92 3.58 7.30
C GLU A 85 1.01 2.77 6.38
N PHE A 86 1.54 2.41 5.22
CA PHE A 86 0.76 1.63 4.27
C PHE A 86 0.44 0.26 4.86
N VAL A 87 1.45 -0.39 5.44
CA VAL A 87 1.26 -1.71 6.01
C VAL A 87 0.28 -1.66 7.17
N GLU A 88 0.48 -0.69 8.05
CA GLU A 88 -0.39 -0.54 9.22
C GLU A 88 -1.84 -0.77 8.84
N LEU A 89 -2.24 -0.20 7.70
CA LEU A 89 -3.62 -0.35 7.26
C LEU A 89 -3.96 -1.82 7.02
N ILE A 90 -3.05 -2.53 6.37
CA ILE A 90 -3.26 -3.95 6.10
C ILE A 90 -3.07 -4.77 7.37
N SER A 91 -2.26 -4.25 8.29
CA SER A 91 -2.00 -4.96 9.54
C SER A 91 -3.21 -4.88 10.46
CA CA B . 10.53 6.94 -4.08
N ARG A 20 1.36 -11.78 14.70
CA ARG A 20 1.16 -13.07 15.43
C ARG A 20 0.90 -14.18 14.43
N GLU A 21 -0.32 -14.24 13.91
CA GLU A 21 -0.69 -15.27 12.94
C GLU A 21 0.28 -15.26 11.77
N LEU A 22 0.79 -14.09 11.43
CA LEU A 22 1.73 -13.95 10.32
C LEU A 22 3.16 -13.82 10.85
N GLY A 23 4.11 -13.70 9.93
CA GLY A 23 5.51 -13.54 10.31
C GLY A 23 6.23 -12.61 9.35
N PRO A 24 7.51 -12.42 9.56
CA PRO A 24 8.34 -11.53 8.69
C PRO A 24 8.23 -11.91 7.22
N GLU A 25 8.19 -13.21 6.96
CA GLU A 25 8.10 -13.70 5.58
C GLU A 25 7.05 -12.91 4.81
N GLU A 26 5.86 -12.78 5.39
CA GLU A 26 4.78 -12.04 4.75
C GLU A 26 5.18 -10.57 4.60
N LEU A 27 5.69 -9.98 5.68
CA LEU A 27 6.10 -8.58 5.65
C LEU A 27 7.13 -8.36 4.55
N GLU A 28 8.09 -9.28 4.46
CA GLU A 28 9.14 -9.17 3.44
C GLU A 28 8.52 -9.08 2.06
N GLU A 29 7.43 -9.81 1.85
CA GLU A 29 6.76 -9.81 0.56
C GLU A 29 6.25 -8.41 0.23
N LEU A 30 5.66 -7.75 1.24
CA LEU A 30 5.14 -6.40 1.06
C LEU A 30 6.28 -5.44 0.73
N GLN A 31 7.42 -5.63 1.39
CA GLN A 31 8.57 -4.77 1.17
C GLN A 31 9.05 -4.89 -0.28
N ALA A 32 9.10 -6.13 -0.78
CA ALA A 32 9.54 -6.36 -2.14
C ALA A 32 8.69 -5.56 -3.12
N ALA A 33 7.39 -5.52 -2.86
CA ALA A 33 6.48 -4.76 -3.72
C ALA A 33 6.79 -3.27 -3.65
N PHE A 34 7.01 -2.78 -2.43
CA PHE A 34 7.32 -1.36 -2.24
C PHE A 34 8.55 -0.98 -3.06
N GLU A 35 9.55 -1.86 -3.05
CA GLU A 35 10.78 -1.60 -3.79
C GLU A 35 10.48 -1.40 -5.27
N GLU A 36 9.57 -2.22 -5.79
CA GLU A 36 9.18 -2.12 -7.19
C GLU A 36 8.36 -0.85 -7.44
N PHE A 37 7.59 -0.46 -6.43
CA PHE A 37 6.75 0.73 -6.54
C PHE A 37 7.47 1.94 -5.98
N ASP A 38 8.71 1.74 -5.52
CA ASP A 38 9.50 2.82 -4.96
C ASP A 38 10.98 2.58 -5.23
N THR A 39 11.37 2.64 -6.49
CA THR A 39 12.77 2.44 -6.87
C THR A 39 13.65 3.56 -6.31
N ASP A 40 13.13 4.78 -6.36
CA ASP A 40 13.88 5.93 -5.86
C ASP A 40 14.05 5.84 -4.34
N GLN A 41 13.16 5.08 -3.71
CA GLN A 41 13.22 4.92 -2.25
C GLN A 41 13.20 6.28 -1.56
N ASP A 42 12.15 7.05 -1.82
CA ASP A 42 12.02 8.38 -1.22
C ASP A 42 11.49 8.26 0.21
N GLY A 43 11.13 7.03 0.60
CA GLY A 43 10.62 6.80 1.95
C GLY A 43 9.09 6.81 1.96
N TYR A 44 8.50 7.19 0.83
CA TYR A 44 7.05 7.24 0.72
C TYR A 44 6.63 7.35 -0.74
N ILE A 45 5.45 6.82 -1.05
CA ILE A 45 4.94 6.88 -2.42
C ILE A 45 3.66 7.71 -2.48
N GLY A 46 3.07 7.79 -3.67
CA GLY A 46 1.85 8.57 -3.84
C GLY A 46 0.67 7.90 -3.13
N TYR A 47 -0.48 7.90 -3.78
CA TYR A 47 -1.67 7.27 -3.20
C TYR A 47 -2.38 6.41 -4.23
N ARG A 48 -2.34 6.84 -5.49
CA ARG A 48 -2.99 6.09 -6.56
C ARG A 48 -2.34 4.72 -6.72
N GLU A 49 -1.02 4.67 -6.58
CA GLU A 49 -0.28 3.43 -6.71
C GLU A 49 -0.63 2.49 -5.56
N LEU A 50 -1.19 3.05 -4.49
CA LEU A 50 -1.56 2.25 -3.32
C LEU A 50 -2.57 1.17 -3.71
N GLY A 51 -3.61 1.57 -4.45
CA GLY A 51 -4.63 0.63 -4.88
C GLY A 51 -4.04 -0.43 -5.80
N ASP A 52 -3.24 0.00 -6.76
CA ASP A 52 -2.62 -0.93 -7.69
C ASP A 52 -1.70 -1.89 -6.96
N CYS A 53 -0.95 -1.37 -5.99
CA CYS A 53 -0.04 -2.21 -5.22
C CYS A 53 -0.80 -3.25 -4.42
N MET A 54 -1.92 -2.84 -3.81
CA MET A 54 -2.73 -3.75 -3.03
C MET A 54 -3.29 -4.87 -3.90
N ARG A 55 -3.74 -4.49 -5.10
CA ARG A 55 -4.30 -5.46 -6.03
C ARG A 55 -3.24 -6.46 -6.47
N THR A 56 -2.04 -5.95 -6.74
CA THR A 56 -0.94 -6.81 -7.17
C THR A 56 -0.61 -7.85 -6.11
N LEU A 57 -1.31 -7.77 -4.99
CA LEU A 57 -1.09 -8.72 -3.89
C LEU A 57 -2.14 -8.54 -2.81
N GLY A 58 -3.40 -8.41 -3.24
CA GLY A 58 -4.49 -8.23 -2.29
C GLY A 58 -5.12 -9.57 -1.92
N TYR A 59 -6.00 -9.55 -0.93
CA TYR A 59 -6.66 -10.78 -0.49
C TYR A 59 -8.09 -10.82 -0.98
N MET A 60 -8.30 -10.45 -2.24
CA MET A 60 -9.63 -10.46 -2.83
C MET A 60 -10.53 -9.47 -2.09
N PRO A 61 -10.25 -8.20 -2.22
CA PRO A 61 -11.05 -7.13 -1.55
C PRO A 61 -12.41 -6.92 -2.23
N THR A 62 -13.37 -6.45 -1.46
CA THR A 62 -14.71 -6.22 -1.99
C THR A 62 -14.63 -5.46 -3.30
N GLU A 63 -14.86 -4.15 -3.25
CA GLU A 63 -14.82 -3.32 -4.45
C GLU A 63 -14.97 -1.85 -4.09
N MET A 64 -15.68 -1.57 -3.00
CA MET A 64 -15.89 -0.20 -2.55
C MET A 64 -15.04 0.07 -1.30
N GLU A 65 -14.62 -0.99 -0.63
CA GLU A 65 -13.81 -0.85 0.57
C GLU A 65 -12.49 -0.16 0.25
N LEU A 66 -11.89 -0.55 -0.88
CA LEU A 66 -10.63 0.05 -1.30
C LEU A 66 -10.83 1.51 -1.69
N LEU A 67 -12.03 1.82 -2.20
CA LEU A 67 -12.32 3.17 -2.66
C LEU A 67 -12.21 4.13 -1.48
N GLU A 68 -12.70 3.70 -0.32
CA GLU A 68 -12.65 4.54 0.87
C GLU A 68 -11.20 4.86 1.25
N VAL A 69 -10.30 3.94 0.91
CA VAL A 69 -8.89 4.12 1.21
C VAL A 69 -8.26 5.16 0.29
N SER A 70 -8.66 5.13 -0.97
CA SER A 70 -8.12 6.06 -1.96
C SER A 70 -8.37 7.50 -1.54
N GLN A 71 -9.56 7.75 -1.01
CA GLN A 71 -9.92 9.09 -0.57
C GLN A 71 -9.24 9.43 0.76
N HIS A 72 -8.65 8.42 1.39
CA HIS A 72 -7.97 8.61 2.66
C HIS A 72 -6.96 9.75 2.55
N VAL A 73 -6.72 10.21 1.33
CA VAL A 73 -5.78 11.30 1.10
C VAL A 73 -6.10 12.49 2.00
N LYS A 74 -7.30 12.50 2.55
CA LYS A 74 -7.73 13.58 3.43
C LYS A 74 -7.60 14.93 2.71
N MET A 75 -7.61 14.89 1.38
CA MET A 75 -7.49 16.11 0.60
C MET A 75 -6.26 16.90 1.02
N ARG A 76 -5.24 16.91 0.16
CA ARG A 76 -4.01 17.63 0.46
C ARG A 76 -3.08 17.62 -0.75
N MET A 77 -3.65 17.45 -1.94
CA MET A 77 -2.85 17.41 -3.15
C MET A 77 -1.77 16.35 -3.06
N GLY A 78 -1.96 15.24 -3.76
CA GLY A 78 -0.99 14.15 -3.74
C GLY A 78 -0.48 13.89 -2.33
N GLY A 79 -1.16 13.02 -1.61
CA GLY A 79 -0.77 12.68 -0.25
C GLY A 79 0.49 11.81 -0.25
N PHE A 80 1.08 11.63 0.93
CA PHE A 80 2.29 10.82 1.07
C PHE A 80 2.09 9.73 2.11
N VAL A 81 2.56 8.53 1.79
CA VAL A 81 2.43 7.40 2.72
C VAL A 81 3.72 6.60 2.78
N ASP A 82 4.22 6.38 4.00
CA ASP A 82 5.44 5.61 4.19
C ASP A 82 5.15 4.13 4.06
N PHE A 83 6.21 3.32 3.95
CA PHE A 83 6.05 1.88 3.83
C PHE A 83 5.34 1.31 5.05
N GLU A 84 5.36 2.06 6.14
CA GLU A 84 4.72 1.62 7.38
C GLU A 84 3.24 2.03 7.38
N GLU A 85 2.95 3.18 6.78
CA GLU A 85 1.58 3.68 6.72
C GLU A 85 0.76 2.86 5.72
N PHE A 86 1.39 2.50 4.60
CA PHE A 86 0.72 1.71 3.58
C PHE A 86 0.35 0.34 4.15
N VAL A 87 1.30 -0.31 4.82
CA VAL A 87 1.07 -1.63 5.38
C VAL A 87 0.04 -1.53 6.51
N GLU A 88 0.22 -0.53 7.39
CA GLU A 88 -0.69 -0.35 8.52
C GLU A 88 -2.12 -0.67 8.10
N LEU A 89 -2.50 -0.24 6.90
CA LEU A 89 -3.85 -0.50 6.40
C LEU A 89 -4.10 -1.99 6.26
N ILE A 90 -3.13 -2.70 5.71
CA ILE A 90 -3.25 -4.14 5.51
C ILE A 90 -3.12 -4.87 6.84
N SER A 91 -2.30 -4.31 7.74
CA SER A 91 -2.10 -4.93 9.04
C SER A 91 -1.69 -6.39 8.89
CA CA B . 11.23 7.50 -3.32
N ARG A 20 -1.66 -19.74 11.11
CA ARG A 20 -0.74 -18.59 10.88
C ARG A 20 -1.15 -17.84 9.62
N GLU A 21 -1.70 -16.64 9.79
CA GLU A 21 -2.13 -15.84 8.66
C GLU A 21 -0.95 -15.11 8.04
N LEU A 22 -0.49 -14.05 8.71
CA LEU A 22 0.64 -13.27 8.22
C LEU A 22 1.94 -13.82 8.77
N GLY A 23 2.86 -14.13 7.86
CA GLY A 23 4.16 -14.67 8.23
C GLY A 23 5.29 -13.76 7.75
N PRO A 24 6.50 -14.07 8.13
CA PRO A 24 7.70 -13.26 7.74
C PRO A 24 7.86 -13.19 6.23
N GLU A 25 7.41 -14.23 5.54
CA GLU A 25 7.51 -14.27 4.08
C GLU A 25 6.61 -13.20 3.47
N GLU A 26 5.39 -13.10 3.99
CA GLU A 26 4.45 -12.12 3.50
C GLU A 26 4.92 -10.71 3.83
N LEU A 27 5.29 -10.51 5.08
CA LEU A 27 5.74 -9.20 5.52
C LEU A 27 6.92 -8.75 4.65
N GLU A 28 7.85 -9.65 4.44
CA GLU A 28 9.01 -9.33 3.62
C GLU A 28 8.59 -9.08 2.18
N GLU A 29 7.58 -9.81 1.73
CA GLU A 29 7.08 -9.66 0.36
C GLU A 29 6.59 -8.23 0.14
N LEU A 30 5.98 -7.66 1.17
CA LEU A 30 5.47 -6.29 1.07
C LEU A 30 6.61 -5.32 0.84
N GLN A 31 7.71 -5.53 1.55
CA GLN A 31 8.87 -4.66 1.41
C GLN A 31 9.43 -4.74 -0.01
N ALA A 32 9.51 -5.95 -0.53
CA ALA A 32 10.03 -6.15 -1.88
C ALA A 32 9.13 -5.45 -2.89
N ALA A 33 7.83 -5.45 -2.63
CA ALA A 33 6.88 -4.80 -3.52
C ALA A 33 7.06 -3.30 -3.48
N PHE A 34 7.17 -2.75 -2.28
CA PHE A 34 7.35 -1.32 -2.12
C PHE A 34 8.59 -0.83 -2.86
N GLU A 35 9.53 -1.75 -3.06
CA GLU A 35 10.76 -1.42 -3.77
C GLU A 35 10.46 -1.09 -5.23
N GLU A 36 9.55 -1.83 -5.83
CA GLU A 36 9.17 -1.60 -7.22
C GLU A 36 8.36 -0.31 -7.35
N PHE A 37 7.42 -0.14 -6.42
CA PHE A 37 6.58 1.05 -6.43
C PHE A 37 7.39 2.29 -6.06
N ASP A 38 8.34 2.11 -5.13
CA ASP A 38 9.18 3.22 -4.69
C ASP A 38 10.42 3.32 -5.54
N THR A 39 10.23 3.50 -6.84
CA THR A 39 11.36 3.61 -7.77
C THR A 39 12.23 4.81 -7.42
N ASP A 40 11.58 5.91 -7.11
CA ASP A 40 12.28 7.14 -6.76
C ASP A 40 12.93 7.02 -5.39
N GLN A 41 12.64 5.92 -4.70
CA GLN A 41 13.21 5.69 -3.37
C GLN A 41 13.10 6.95 -2.53
N ASP A 42 11.95 7.61 -2.58
CA ASP A 42 11.75 8.83 -1.82
C ASP A 42 11.13 8.51 -0.46
N GLY A 43 10.88 7.22 -0.22
CA GLY A 43 10.30 6.79 1.05
C GLY A 43 8.78 7.00 1.06
N TYR A 44 8.23 7.31 -0.12
CA TYR A 44 6.79 7.53 -0.23
C TYR A 44 6.32 7.19 -1.63
N ILE A 45 5.03 6.91 -1.77
CA ILE A 45 4.44 6.57 -3.07
C ILE A 45 3.08 7.24 -3.24
N GLY A 46 2.57 7.24 -4.46
CA GLY A 46 1.28 7.84 -4.75
C GLY A 46 0.15 6.90 -4.34
N TYR A 47 -0.76 7.41 -3.50
CA TYR A 47 -1.88 6.61 -3.04
C TYR A 47 -2.60 5.97 -4.22
N ARG A 48 -2.40 6.54 -5.40
CA ARG A 48 -3.04 6.00 -6.59
C ARG A 48 -2.52 4.60 -6.91
N GLU A 49 -1.23 4.40 -6.69
CA GLU A 49 -0.61 3.11 -6.96
C GLU A 49 -0.92 2.13 -5.84
N LEU A 50 -1.47 2.65 -4.74
CA LEU A 50 -1.80 1.80 -3.61
C LEU A 50 -2.80 0.73 -4.02
N GLY A 51 -3.76 1.10 -4.84
CA GLY A 51 -4.76 0.15 -5.29
C GLY A 51 -4.11 -1.09 -5.90
N ASP A 52 -3.22 -0.86 -6.87
CA ASP A 52 -2.53 -1.98 -7.52
C ASP A 52 -1.63 -2.70 -6.53
N CYS A 53 -0.71 -1.97 -5.94
CA CYS A 53 0.22 -2.56 -4.97
C CYS A 53 -0.52 -3.46 -4.00
N MET A 54 -1.73 -3.06 -3.64
CA MET A 54 -2.54 -3.84 -2.71
C MET A 54 -2.91 -5.19 -3.33
N ARG A 55 -3.22 -5.19 -4.61
CA ARG A 55 -3.61 -6.42 -5.30
C ARG A 55 -2.39 -7.26 -5.65
N THR A 56 -1.21 -6.66 -5.53
CA THR A 56 0.03 -7.36 -5.86
C THR A 56 0.21 -8.61 -4.99
N LEU A 57 -0.72 -8.79 -4.07
CA LEU A 57 -0.67 -9.92 -3.14
C LEU A 57 -1.98 -10.69 -3.15
N GLY A 58 -2.76 -10.48 -4.21
CA GLY A 58 -4.05 -11.15 -4.34
C GLY A 58 -5.20 -10.15 -4.19
N TYR A 59 -6.40 -10.59 -4.57
CA TYR A 59 -7.58 -9.74 -4.48
C TYR A 59 -8.21 -9.85 -3.09
N MET A 60 -7.74 -9.02 -2.17
CA MET A 60 -8.27 -9.00 -0.81
C MET A 60 -9.41 -7.98 -0.69
N PRO A 61 -9.31 -6.86 -1.37
CA PRO A 61 -10.35 -5.80 -1.33
C PRO A 61 -11.50 -6.08 -2.28
N THR A 62 -12.65 -5.48 -2.00
CA THR A 62 -13.83 -5.68 -2.83
C THR A 62 -13.63 -5.00 -4.19
N GLU A 63 -14.02 -3.74 -4.27
CA GLU A 63 -13.90 -2.98 -5.51
C GLU A 63 -14.30 -1.53 -5.31
N MET A 64 -15.33 -1.32 -4.49
CA MET A 64 -15.82 0.03 -4.21
C MET A 64 -15.39 0.48 -2.82
N GLU A 65 -15.19 -0.48 -1.93
CA GLU A 65 -14.78 -0.17 -0.56
C GLU A 65 -13.41 0.50 -0.55
N LEU A 66 -12.53 0.05 -1.42
CA LEU A 66 -11.18 0.60 -1.49
C LEU A 66 -11.24 2.07 -1.89
N LEU A 67 -12.20 2.42 -2.74
CA LEU A 67 -12.35 3.79 -3.20
C LEU A 67 -12.56 4.72 -2.01
N GLU A 68 -13.31 4.25 -1.02
CA GLU A 68 -13.57 5.05 0.16
C GLU A 68 -12.28 5.29 0.95
N VAL A 69 -11.46 4.26 1.05
CA VAL A 69 -10.19 4.36 1.77
C VAL A 69 -9.25 5.34 1.07
N SER A 70 -9.17 5.22 -0.26
CA SER A 70 -8.30 6.10 -1.04
C SER A 70 -8.76 7.56 -0.93
N GLN A 71 -10.07 7.76 -1.02
CA GLN A 71 -10.62 9.10 -0.93
C GLN A 71 -10.51 9.65 0.49
N HIS A 72 -10.43 8.74 1.46
CA HIS A 72 -10.32 9.14 2.85
C HIS A 72 -9.03 9.92 3.10
N VAL A 73 -7.98 9.54 2.36
CA VAL A 73 -6.69 10.20 2.48
C VAL A 73 -6.60 11.40 1.56
N LYS A 74 -7.36 11.36 0.46
CA LYS A 74 -7.35 12.45 -0.51
C LYS A 74 -8.51 13.41 -0.25
N MET A 75 -8.91 13.51 1.01
CA MET A 75 -10.00 14.39 1.38
C MET A 75 -9.65 15.84 1.10
N ARG A 76 -8.40 16.22 1.40
CA ARG A 76 -7.93 17.58 1.18
C ARG A 76 -6.74 17.59 0.22
N MET A 77 -5.71 16.82 0.54
CA MET A 77 -4.53 16.75 -0.30
C MET A 77 -3.96 15.33 -0.31
N GLY A 78 -3.32 14.97 -1.42
CA GLY A 78 -2.74 13.64 -1.56
C GLY A 78 -1.74 13.38 -0.44
N GLY A 79 -2.25 12.87 0.68
CA GLY A 79 -1.38 12.58 1.83
C GLY A 79 -0.32 11.54 1.46
N PHE A 80 0.81 11.54 2.19
CA PHE A 80 1.89 10.60 1.92
C PHE A 80 2.01 9.59 3.05
N VAL A 81 2.47 8.39 2.72
CA VAL A 81 2.63 7.34 3.72
C VAL A 81 3.84 6.45 3.40
N ASP A 82 4.76 6.36 4.34
CA ASP A 82 5.95 5.55 4.16
C ASP A 82 5.58 4.06 4.15
N PHE A 83 6.57 3.21 4.00
CA PHE A 83 6.33 1.78 3.99
C PHE A 83 5.68 1.32 5.29
N GLU A 84 6.18 1.84 6.39
CA GLU A 84 5.64 1.47 7.70
C GLU A 84 4.26 2.11 7.90
N GLU A 85 4.08 3.31 7.37
CA GLU A 85 2.81 4.00 7.51
C GLU A 85 1.76 3.38 6.61
N PHE A 86 2.18 2.99 5.41
CA PHE A 86 1.28 2.36 4.46
C PHE A 86 0.84 0.99 4.96
N VAL A 87 1.80 0.22 5.46
CA VAL A 87 1.51 -1.13 5.94
C VAL A 87 0.55 -1.07 7.12
N GLU A 88 0.79 -0.14 8.04
CA GLU A 88 -0.05 0.00 9.21
C GLU A 88 -1.52 -0.23 8.87
N LEU A 89 -1.91 0.24 7.69
CA LEU A 89 -3.29 0.09 7.25
C LEU A 89 -3.64 -1.37 7.03
N ILE A 90 -2.74 -2.09 6.39
CA ILE A 90 -2.95 -3.50 6.11
C ILE A 90 -2.62 -4.35 7.34
N SER A 91 -1.68 -3.87 8.14
CA SER A 91 -1.27 -4.59 9.34
C SER A 91 -2.24 -4.33 10.48
CA CA B . 8.53 7.06 -4.34
N ARG A 20 8.05 -22.91 11.07
CA ARG A 20 6.81 -22.58 10.30
C ARG A 20 7.15 -21.59 9.19
N GLU A 21 8.20 -20.81 9.40
CA GLU A 21 8.60 -19.82 8.41
C GLU A 21 7.40 -19.02 7.93
N LEU A 22 6.41 -18.88 8.80
CA LEU A 22 5.19 -18.13 8.47
C LEU A 22 5.15 -16.81 9.22
N GLY A 23 4.74 -15.75 8.51
CA GLY A 23 4.64 -14.41 9.10
C GLY A 23 5.67 -13.48 8.48
N PRO A 24 6.93 -13.57 8.89
CA PRO A 24 8.02 -12.71 8.33
C PRO A 24 8.07 -12.77 6.80
N GLU A 25 7.86 -13.96 6.25
CA GLU A 25 7.90 -14.14 4.81
C GLU A 25 6.93 -13.18 4.14
N GLU A 26 5.72 -13.10 4.67
CA GLU A 26 4.73 -12.21 4.11
C GLU A 26 5.16 -10.76 4.31
N LEU A 27 5.58 -10.44 5.53
CA LEU A 27 6.00 -9.09 5.83
C LEU A 27 7.10 -8.65 4.88
N GLU A 28 8.09 -9.52 4.70
CA GLU A 28 9.19 -9.21 3.81
C GLU A 28 8.69 -9.06 2.38
N GLU A 29 7.67 -9.83 2.04
CA GLU A 29 7.09 -9.78 0.70
C GLU A 29 6.55 -8.38 0.42
N LEU A 30 5.91 -7.80 1.42
CA LEU A 30 5.34 -6.47 1.27
C LEU A 30 6.44 -5.46 0.97
N GLN A 31 7.58 -5.61 1.64
CA GLN A 31 8.69 -4.71 1.43
C GLN A 31 9.20 -4.82 0.01
N ALA A 32 9.31 -6.04 -0.48
CA ALA A 32 9.78 -6.27 -1.84
C ALA A 32 8.88 -5.55 -2.84
N ALA A 33 7.57 -5.52 -2.54
CA ALA A 33 6.62 -4.87 -3.42
C ALA A 33 6.87 -3.36 -3.43
N PHE A 34 7.10 -2.80 -2.26
CA PHE A 34 7.34 -1.36 -2.14
C PHE A 34 8.53 -0.96 -3.00
N GLU A 35 9.58 -1.78 -2.96
CA GLU A 35 10.78 -1.50 -3.72
C GLU A 35 10.43 -1.35 -5.21
N GLU A 36 9.53 -2.20 -5.69
CA GLU A 36 9.12 -2.14 -7.08
C GLU A 36 8.25 -0.92 -7.34
N PHE A 37 7.42 -0.57 -6.34
CA PHE A 37 6.53 0.58 -6.46
C PHE A 37 7.26 1.86 -6.10
N ASP A 38 8.52 1.71 -5.67
CA ASP A 38 9.33 2.87 -5.30
C ASP A 38 10.75 2.71 -5.80
N THR A 39 10.95 2.93 -7.10
CA THR A 39 12.26 2.80 -7.71
C THR A 39 13.21 3.86 -7.17
N ASP A 40 12.67 5.06 -7.00
CA ASP A 40 13.46 6.18 -6.49
C ASP A 40 13.67 6.06 -4.99
N GLN A 41 13.01 5.08 -4.38
CA GLN A 41 13.13 4.86 -2.94
C GLN A 41 13.00 6.20 -2.20
N ASP A 42 11.92 6.92 -2.49
CA ASP A 42 11.69 8.20 -1.84
C ASP A 42 11.03 8.00 -0.48
N GLY A 43 10.73 6.74 -0.16
CA GLY A 43 10.10 6.41 1.12
C GLY A 43 8.61 6.70 1.07
N TYR A 44 8.14 7.19 -0.09
CA TYR A 44 6.73 7.51 -0.25
C TYR A 44 6.26 7.13 -1.66
N ILE A 45 4.99 6.76 -1.77
CA ILE A 45 4.40 6.39 -3.06
C ILE A 45 3.11 7.16 -3.32
N GLY A 46 2.76 7.32 -4.59
CA GLY A 46 1.56 8.03 -4.95
C GLY A 46 0.32 7.31 -4.45
N TYR A 47 -0.59 8.06 -3.84
CA TYR A 47 -1.82 7.48 -3.31
C TYR A 47 -2.53 6.67 -4.39
N ARG A 48 -2.46 7.15 -5.62
CA ARG A 48 -3.10 6.46 -6.73
C ARG A 48 -2.50 5.07 -6.92
N GLU A 49 -1.19 4.97 -6.72
CA GLU A 49 -0.51 3.68 -6.88
C GLU A 49 -0.68 2.83 -5.62
N LEU A 50 -1.15 3.45 -4.55
CA LEU A 50 -1.33 2.72 -3.30
C LEU A 50 -2.32 1.58 -3.49
N GLY A 51 -3.41 1.86 -4.21
CA GLY A 51 -4.42 0.83 -4.45
C GLY A 51 -3.83 -0.34 -5.23
N ASP A 52 -3.06 -0.02 -6.26
CA ASP A 52 -2.45 -1.06 -7.09
C ASP A 52 -1.60 -1.99 -6.22
N CYS A 53 -0.93 -1.43 -5.23
CA CYS A 53 -0.08 -2.21 -4.34
C CYS A 53 -0.91 -3.29 -3.64
N MET A 54 -2.12 -2.94 -3.24
CA MET A 54 -2.99 -3.90 -2.56
C MET A 54 -3.36 -5.04 -3.51
N ARG A 55 -3.61 -4.71 -4.77
CA ARG A 55 -3.98 -5.72 -5.76
C ARG A 55 -2.83 -6.68 -5.98
N THR A 56 -1.62 -6.14 -5.96
CA THR A 56 -0.42 -6.97 -6.17
C THR A 56 -0.38 -8.13 -5.19
N LEU A 57 -1.35 -8.16 -4.31
CA LEU A 57 -1.45 -9.21 -3.31
C LEU A 57 -2.81 -9.19 -2.62
N GLY A 58 -3.83 -9.59 -3.35
CA GLY A 58 -5.18 -9.62 -2.79
C GLY A 58 -6.21 -9.85 -3.89
N TYR A 59 -6.25 -8.93 -4.86
CA TYR A 59 -7.19 -9.04 -5.96
C TYR A 59 -8.61 -9.28 -5.45
N MET A 60 -8.78 -9.14 -4.14
CA MET A 60 -10.10 -9.32 -3.53
C MET A 60 -10.93 -8.04 -3.64
N PRO A 61 -10.30 -6.89 -3.47
CA PRO A 61 -11.02 -5.59 -3.54
C PRO A 61 -11.71 -5.40 -4.88
N THR A 62 -12.93 -4.84 -4.83
CA THR A 62 -13.69 -4.60 -6.05
C THR A 62 -13.70 -3.12 -6.39
N GLU A 63 -14.11 -2.29 -5.44
CA GLU A 63 -14.16 -0.85 -5.65
C GLU A 63 -14.53 -0.13 -4.36
N MET A 64 -15.46 -0.70 -3.60
CA MET A 64 -15.89 -0.09 -2.36
C MET A 64 -14.74 -0.04 -1.36
N GLU A 65 -13.88 -1.04 -1.41
CA GLU A 65 -12.74 -1.08 -0.51
C GLU A 65 -11.67 -0.08 -0.96
N LEU A 66 -11.47 0.00 -2.27
CA LEU A 66 -10.49 0.91 -2.83
C LEU A 66 -10.90 2.35 -2.59
N LEU A 67 -12.21 2.60 -2.63
CA LEU A 67 -12.70 3.94 -2.41
C LEU A 67 -12.32 4.43 -1.03
N GLU A 68 -12.43 3.57 -0.04
CA GLU A 68 -12.09 3.94 1.32
C GLU A 68 -10.64 4.41 1.41
N VAL A 69 -9.75 3.66 0.79
CA VAL A 69 -8.33 3.99 0.79
C VAL A 69 -8.10 5.34 0.09
N SER A 70 -8.79 5.54 -1.02
CA SER A 70 -8.66 6.78 -1.77
C SER A 70 -9.16 7.97 -0.96
N GLN A 71 -9.90 7.68 0.12
CA GLN A 71 -10.44 8.73 0.98
C GLN A 71 -9.51 9.00 2.15
N HIS A 72 -8.57 8.08 2.38
CA HIS A 72 -7.62 8.22 3.48
C HIS A 72 -6.71 9.42 3.25
N VAL A 73 -6.76 9.96 2.03
CA VAL A 73 -5.94 11.12 1.68
C VAL A 73 -6.32 12.32 2.52
N LYS A 74 -7.62 12.51 2.73
CA LYS A 74 -8.12 13.63 3.53
C LYS A 74 -7.64 14.96 2.96
N MET A 75 -6.63 15.53 3.59
CA MET A 75 -6.09 16.81 3.14
C MET A 75 -5.17 16.61 1.94
N ARG A 76 -5.13 17.61 1.06
CA ARG A 76 -4.28 17.54 -0.13
C ARG A 76 -4.63 16.32 -0.97
N MET A 77 -4.83 16.53 -2.27
CA MET A 77 -5.16 15.43 -3.16
C MET A 77 -4.02 14.42 -3.23
N GLY A 78 -2.78 14.94 -3.27
CA GLY A 78 -1.61 14.09 -3.34
C GLY A 78 -1.03 13.84 -1.95
N GLY A 79 -1.72 13.01 -1.18
CA GLY A 79 -1.25 12.70 0.18
C GLY A 79 0.05 11.89 0.16
N PHE A 80 0.70 11.70 1.32
CA PHE A 80 1.94 10.95 1.39
C PHE A 80 1.74 9.70 2.24
N VAL A 81 2.19 8.56 1.70
CA VAL A 81 2.06 7.28 2.41
C VAL A 81 3.38 6.50 2.34
N ASP A 82 3.96 6.25 3.51
CA ASP A 82 5.22 5.52 3.59
C ASP A 82 4.94 4.02 3.68
N PHE A 83 6.00 3.24 3.77
CA PHE A 83 5.85 1.79 3.87
C PHE A 83 5.10 1.41 5.14
N GLU A 84 5.46 2.05 6.25
CA GLU A 84 4.81 1.77 7.51
C GLU A 84 3.33 2.14 7.46
N GLU A 85 3.03 3.27 6.86
CA GLU A 85 1.65 3.72 6.75
C GLU A 85 0.87 2.82 5.80
N PHE A 86 1.54 2.40 4.75
CA PHE A 86 0.92 1.53 3.77
C PHE A 86 0.53 0.20 4.42
N VAL A 87 1.47 -0.38 5.17
CA VAL A 87 1.22 -1.67 5.81
C VAL A 87 0.10 -1.55 6.82
N GLU A 88 0.15 -0.49 7.63
CA GLU A 88 -0.86 -0.27 8.66
C GLU A 88 -2.24 -0.65 8.14
N LEU A 89 -2.54 -0.24 6.92
CA LEU A 89 -3.84 -0.56 6.34
C LEU A 89 -4.06 -2.06 6.25
N ILE A 90 -3.05 -2.77 5.79
CA ILE A 90 -3.15 -4.22 5.66
C ILE A 90 -2.88 -4.90 6.99
N SER A 91 -2.23 -4.17 7.90
CA SER A 91 -1.90 -4.71 9.21
C SER A 91 -1.63 -3.58 10.19
CA CA B . 10.83 7.49 -4.29
N ARG A 20 -1.10 -19.22 11.45
CA ARG A 20 -2.38 -18.70 10.89
C ARG A 20 -2.26 -17.18 10.70
N GLU A 21 -1.46 -16.54 11.54
CA GLU A 21 -1.26 -15.11 11.45
C GLU A 21 -0.07 -14.79 10.55
N LEU A 22 0.33 -15.76 9.75
CA LEU A 22 1.47 -15.57 8.85
C LEU A 22 2.72 -15.20 9.65
N GLY A 23 3.83 -14.97 8.93
CA GLY A 23 5.08 -14.61 9.57
C GLY A 23 5.77 -13.50 8.80
N PRO A 24 6.99 -13.20 9.18
CA PRO A 24 7.79 -12.12 8.52
C PRO A 24 7.97 -12.38 7.03
N GLU A 25 7.94 -13.66 6.65
CA GLU A 25 8.12 -14.04 5.26
C GLU A 25 7.16 -13.26 4.37
N GLU A 26 5.88 -13.30 4.71
CA GLU A 26 4.87 -12.59 3.94
C GLU A 26 5.10 -11.09 4.02
N LEU A 27 5.32 -10.58 5.23
CA LEU A 27 5.56 -9.16 5.42
C LEU A 27 6.75 -8.71 4.57
N GLU A 28 7.80 -9.53 4.57
CA GLU A 28 9.00 -9.21 3.81
C GLU A 28 8.66 -9.07 2.32
N GLU A 29 7.72 -9.88 1.85
CA GLU A 29 7.32 -9.83 0.45
C GLU A 29 6.74 -8.47 0.11
N LEU A 30 5.95 -7.93 1.03
CA LEU A 30 5.34 -6.63 0.82
C LEU A 30 6.40 -5.55 0.68
N GLN A 31 7.46 -5.67 1.48
CA GLN A 31 8.55 -4.70 1.44
C GLN A 31 9.25 -4.75 0.08
N ALA A 32 9.44 -5.96 -0.44
CA ALA A 32 10.09 -6.11 -1.74
C ALA A 32 9.31 -5.37 -2.81
N ALA A 33 7.98 -5.42 -2.72
CA ALA A 33 7.14 -4.74 -3.68
C ALA A 33 7.33 -3.23 -3.60
N PHE A 34 7.37 -2.72 -2.36
CA PHE A 34 7.56 -1.29 -2.15
C PHE A 34 8.82 -0.81 -2.86
N GLU A 35 9.84 -1.66 -2.88
CA GLU A 35 11.10 -1.32 -3.53
C GLU A 35 10.88 -1.09 -5.02
N GLU A 36 10.01 -1.89 -5.62
CA GLU A 36 9.72 -1.75 -7.05
C GLU A 36 8.87 -0.50 -7.29
N PHE A 37 7.91 -0.26 -6.40
CA PHE A 37 7.04 0.90 -6.53
C PHE A 37 7.79 2.18 -6.19
N ASP A 38 8.69 2.08 -5.22
CA ASP A 38 9.48 3.24 -4.80
C ASP A 38 10.64 3.46 -5.76
N THR A 39 10.36 4.11 -6.89
CA THR A 39 11.40 4.37 -7.88
C THR A 39 12.33 5.49 -7.40
N ASP A 40 11.75 6.48 -6.74
CA ASP A 40 12.53 7.61 -6.24
C ASP A 40 13.20 7.27 -4.91
N GLN A 41 12.93 6.06 -4.42
CA GLN A 41 13.49 5.61 -3.15
C GLN A 41 13.41 6.72 -2.11
N ASP A 42 12.38 7.55 -2.23
CA ASP A 42 12.19 8.65 -1.29
C ASP A 42 11.50 8.16 -0.02
N GLY A 43 11.13 6.88 -0.01
CA GLY A 43 10.46 6.30 1.14
C GLY A 43 8.97 6.63 1.13
N TYR A 44 8.50 7.20 0.02
CA TYR A 44 7.10 7.56 -0.09
C TYR A 44 6.58 7.24 -1.50
N ILE A 45 5.31 6.86 -1.57
CA ILE A 45 4.70 6.55 -2.87
C ILE A 45 3.39 7.31 -3.04
N GLY A 46 2.89 7.35 -4.26
CA GLY A 46 1.63 8.04 -4.55
C GLY A 46 0.44 7.13 -4.28
N TYR A 47 -0.52 7.64 -3.50
CA TYR A 47 -1.70 6.85 -3.18
C TYR A 47 -2.27 6.20 -4.43
N ARG A 48 -1.90 6.72 -5.59
CA ARG A 48 -2.38 6.17 -6.85
C ARG A 48 -1.92 4.73 -7.02
N GLU A 49 -0.67 4.46 -6.65
CA GLU A 49 -0.12 3.13 -6.78
C GLU A 49 -0.59 2.25 -5.63
N LEU A 50 -1.38 2.82 -4.72
CA LEU A 50 -1.90 2.08 -3.59
C LEU A 50 -2.70 0.88 -4.06
N GLY A 51 -3.61 1.10 -4.99
CA GLY A 51 -4.44 0.02 -5.52
C GLY A 51 -3.60 -0.96 -6.34
N ASP A 52 -2.63 -0.43 -7.07
CA ASP A 52 -1.77 -1.27 -7.90
C ASP A 52 -0.93 -2.20 -7.02
N CYS A 53 -0.43 -1.67 -5.91
CA CYS A 53 0.39 -2.46 -5.00
C CYS A 53 -0.41 -3.65 -4.46
N MET A 54 -1.67 -3.40 -4.12
CA MET A 54 -2.53 -4.46 -3.59
C MET A 54 -2.75 -5.53 -4.64
N ARG A 55 -2.88 -5.12 -5.90
CA ARG A 55 -3.11 -6.07 -6.98
C ARG A 55 -1.92 -7.00 -7.14
N THR A 56 -0.71 -6.47 -6.92
CA THR A 56 0.50 -7.26 -7.05
C THR A 56 0.41 -8.51 -6.19
N LEU A 57 -0.68 -8.64 -5.44
CA LEU A 57 -0.88 -9.80 -4.59
C LEU A 57 -2.37 -10.03 -4.35
N GLY A 58 -3.17 -9.80 -5.37
CA GLY A 58 -4.62 -9.97 -5.26
C GLY A 58 -5.27 -8.77 -4.59
N TYR A 59 -6.49 -8.46 -4.98
CA TYR A 59 -7.21 -7.33 -4.41
C TYR A 59 -8.03 -7.76 -3.20
N MET A 60 -7.77 -7.12 -2.06
CA MET A 60 -8.48 -7.44 -0.84
C MET A 60 -9.81 -6.69 -0.77
N PRO A 61 -9.79 -5.44 -1.16
CA PRO A 61 -11.02 -4.58 -1.14
C PRO A 61 -12.10 -5.12 -2.07
N THR A 62 -13.35 -4.99 -1.66
CA THR A 62 -14.48 -5.46 -2.46
C THR A 62 -14.78 -4.47 -3.58
N GLU A 63 -15.39 -3.36 -3.23
CA GLU A 63 -15.72 -2.33 -4.21
C GLU A 63 -15.97 -0.98 -3.53
N MET A 64 -16.87 -0.98 -2.55
CA MET A 64 -17.19 0.24 -1.83
C MET A 64 -16.05 0.62 -0.89
N GLU A 65 -15.36 -0.40 -0.37
CA GLU A 65 -14.25 -0.16 0.54
C GLU A 65 -13.10 0.56 -0.17
N LEU A 66 -12.93 0.26 -1.46
CA LEU A 66 -11.88 0.88 -2.24
C LEU A 66 -12.05 2.40 -2.26
N LEU A 67 -13.27 2.85 -2.50
CA LEU A 67 -13.55 4.29 -2.52
C LEU A 67 -13.25 4.91 -1.16
N GLU A 68 -13.54 4.18 -0.09
CA GLU A 68 -13.31 4.67 1.25
C GLU A 68 -11.81 4.86 1.49
N VAL A 69 -11.01 3.91 1.04
CA VAL A 69 -9.57 3.99 1.20
C VAL A 69 -8.99 5.13 0.37
N SER A 70 -9.52 5.30 -0.84
CA SER A 70 -9.04 6.34 -1.73
C SER A 70 -9.32 7.73 -1.14
N GLN A 71 -10.27 7.79 -0.22
CA GLN A 71 -10.62 9.05 0.41
C GLN A 71 -9.58 9.44 1.46
N HIS A 72 -8.79 8.46 1.88
CA HIS A 72 -7.75 8.71 2.88
C HIS A 72 -6.74 9.73 2.36
N VAL A 73 -6.79 9.99 1.05
CA VAL A 73 -5.86 10.93 0.45
C VAL A 73 -6.17 12.35 0.93
N LYS A 74 -7.33 12.53 1.56
CA LYS A 74 -7.72 13.83 2.06
C LYS A 74 -7.75 14.87 0.94
N MET A 75 -8.21 14.44 -0.24
CA MET A 75 -8.28 15.33 -1.39
C MET A 75 -7.02 16.17 -1.50
N ARG A 76 -5.96 15.74 -0.82
CA ARG A 76 -4.69 16.46 -0.86
C ARG A 76 -4.06 16.36 -2.24
N MET A 77 -4.49 15.37 -3.02
CA MET A 77 -3.96 15.20 -4.37
C MET A 77 -2.47 14.88 -4.32
N GLY A 78 -2.12 13.62 -4.49
CA GLY A 78 -0.72 13.20 -4.47
C GLY A 78 -0.19 13.17 -3.04
N GLY A 79 -0.97 12.60 -2.13
CA GLY A 79 -0.57 12.51 -0.73
C GLY A 79 0.73 11.73 -0.59
N PHE A 80 1.21 11.61 0.64
CA PHE A 80 2.45 10.89 0.90
C PHE A 80 2.22 9.77 1.91
N VAL A 81 2.78 8.60 1.63
CA VAL A 81 2.62 7.46 2.52
C VAL A 81 3.86 6.56 2.48
N ASP A 82 4.39 6.24 3.65
CA ASP A 82 5.57 5.39 3.74
C ASP A 82 5.17 3.92 3.93
N PHE A 83 6.17 3.06 4.07
CA PHE A 83 5.91 1.63 4.25
C PHE A 83 5.23 1.39 5.60
N GLU A 84 5.60 2.19 6.60
CA GLU A 84 5.02 2.04 7.93
C GLU A 84 3.54 2.40 7.92
N GLU A 85 3.19 3.39 7.09
CA GLU A 85 1.80 3.81 6.99
C GLU A 85 1.04 2.92 6.01
N PHE A 86 1.77 2.24 5.14
CA PHE A 86 1.16 1.33 4.18
C PHE A 86 0.71 0.04 4.87
N VAL A 87 1.60 -0.54 5.68
CA VAL A 87 1.28 -1.77 6.40
C VAL A 87 0.21 -1.52 7.45
N GLU A 88 0.34 -0.43 8.19
CA GLU A 88 -0.61 -0.09 9.23
C GLU A 88 -2.04 -0.30 8.73
N LEU A 89 -2.36 0.31 7.59
CA LEU A 89 -3.70 0.19 7.02
C LEU A 89 -4.01 -1.27 6.69
N ILE A 90 -3.04 -1.96 6.10
CA ILE A 90 -3.23 -3.35 5.74
C ILE A 90 -3.27 -4.24 6.98
N SER A 91 -2.65 -3.77 8.06
CA SER A 91 -2.62 -4.52 9.29
C SER A 91 -3.21 -3.70 10.44
CA CA B . 10.29 6.42 -1.86
N ARG A 20 5.39 -20.26 8.77
CA ARG A 20 4.94 -21.22 7.73
C ARG A 20 3.77 -20.64 6.96
N GLU A 21 2.56 -20.82 7.47
CA GLU A 21 1.36 -20.30 6.82
C GLU A 21 1.38 -18.79 6.83
N LEU A 22 1.86 -18.22 7.92
CA LEU A 22 1.93 -16.76 8.05
C LEU A 22 3.12 -16.36 8.93
N GLY A 23 4.14 -15.78 8.29
CA GLY A 23 5.32 -15.35 9.03
C GLY A 23 5.94 -14.12 8.38
N PRO A 24 7.12 -13.75 8.80
CA PRO A 24 7.84 -12.57 8.25
C PRO A 24 8.04 -12.67 6.74
N GLU A 25 8.05 -13.89 6.24
CA GLU A 25 8.23 -14.12 4.80
C GLU A 25 7.22 -13.30 4.00
N GLU A 26 5.96 -13.36 4.43
CA GLU A 26 4.91 -12.62 3.75
C GLU A 26 5.12 -11.12 3.92
N LEU A 27 5.36 -10.70 5.15
CA LEU A 27 5.56 -9.29 5.43
C LEU A 27 6.75 -8.77 4.63
N GLU A 28 7.80 -9.56 4.56
CA GLU A 28 8.99 -9.16 3.82
C GLU A 28 8.68 -9.05 2.34
N GLU A 29 7.80 -9.91 1.85
CA GLU A 29 7.42 -9.89 0.44
C GLU A 29 6.84 -8.53 0.07
N LEU A 30 6.18 -7.90 1.03
CA LEU A 30 5.59 -6.58 0.80
C LEU A 30 6.67 -5.54 0.60
N GLN A 31 7.78 -5.71 1.32
CA GLN A 31 8.90 -4.78 1.21
C GLN A 31 9.49 -4.81 -0.19
N ALA A 32 9.66 -6.02 -0.72
CA ALA A 32 10.22 -6.18 -2.06
C ALA A 32 9.37 -5.43 -3.07
N ALA A 33 8.05 -5.43 -2.85
CA ALA A 33 7.13 -4.74 -3.75
C ALA A 33 7.34 -3.22 -3.65
N PHE A 34 7.46 -2.74 -2.41
CA PHE A 34 7.66 -1.31 -2.19
C PHE A 34 8.89 -0.83 -2.94
N GLU A 35 9.94 -1.65 -2.95
CA GLU A 35 11.16 -1.29 -3.64
C GLU A 35 10.89 -1.05 -5.12
N GLU A 36 10.02 -1.87 -5.70
CA GLU A 36 9.68 -1.72 -7.11
C GLU A 36 8.78 -0.51 -7.32
N PHE A 37 7.84 -0.32 -6.40
CA PHE A 37 6.93 0.82 -6.47
C PHE A 37 7.66 2.12 -6.17
N ASP A 38 8.58 2.06 -5.20
CA ASP A 38 9.33 3.24 -4.81
C ASP A 38 10.57 3.39 -5.67
N THR A 39 10.36 3.79 -6.92
CA THR A 39 11.48 3.98 -7.84
C THR A 39 12.37 5.13 -7.39
N ASP A 40 11.74 6.21 -6.97
CA ASP A 40 12.48 7.39 -6.50
C ASP A 40 13.19 7.09 -5.19
N GLN A 41 12.72 6.07 -4.47
CA GLN A 41 13.32 5.69 -3.20
C GLN A 41 13.22 6.84 -2.21
N ASP A 42 12.13 7.58 -2.27
CA ASP A 42 11.93 8.71 -1.35
C ASP A 42 11.29 8.24 -0.06
N GLY A 43 10.94 6.96 -0.01
CA GLY A 43 10.32 6.39 1.19
C GLY A 43 8.82 6.66 1.20
N TYR A 44 8.30 7.15 0.09
CA TYR A 44 6.88 7.46 -0.01
C TYR A 44 6.35 7.11 -1.39
N ILE A 45 5.08 6.69 -1.45
CA ILE A 45 4.46 6.32 -2.72
C ILE A 45 3.15 7.08 -2.90
N GLY A 46 2.70 7.18 -4.15
CA GLY A 46 1.46 7.88 -4.44
C GLY A 46 0.25 7.05 -4.07
N TYR A 47 -0.69 7.66 -3.36
CA TYR A 47 -1.90 6.95 -2.94
C TYR A 47 -2.49 6.17 -4.11
N ARG A 48 -2.27 6.66 -5.32
CA ARG A 48 -2.79 6.00 -6.50
C ARG A 48 -2.20 4.60 -6.65
N GLU A 49 -0.92 4.47 -6.29
CA GLU A 49 -0.25 3.18 -6.38
C GLU A 49 -0.66 2.28 -5.22
N LEU A 50 -1.36 2.85 -4.26
CA LEU A 50 -1.79 2.09 -3.10
C LEU A 50 -2.64 0.90 -3.52
N GLY A 51 -3.59 1.14 -4.41
CA GLY A 51 -4.45 0.06 -4.91
C GLY A 51 -3.63 -0.95 -5.72
N ASP A 52 -2.70 -0.44 -6.51
CA ASP A 52 -1.88 -1.31 -7.34
C ASP A 52 -1.07 -2.25 -6.47
N CYS A 53 -0.57 -1.74 -5.35
CA CYS A 53 0.21 -2.55 -4.43
C CYS A 53 -0.67 -3.55 -3.71
N MET A 54 -1.90 -3.15 -3.43
CA MET A 54 -2.84 -4.02 -2.72
C MET A 54 -3.14 -5.28 -3.53
N ARG A 55 -3.38 -5.09 -4.82
CA ARG A 55 -3.70 -6.22 -5.70
C ARG A 55 -2.43 -7.03 -5.99
N THR A 56 -1.28 -6.40 -5.79
CA THR A 56 -0.02 -7.08 -6.03
C THR A 56 0.10 -8.34 -5.20
N LEU A 57 -0.90 -8.57 -4.37
CA LEU A 57 -0.91 -9.76 -3.50
C LEU A 57 -2.34 -10.25 -3.28
N GLY A 58 -3.16 -10.14 -4.32
CA GLY A 58 -4.54 -10.58 -4.24
C GLY A 58 -5.35 -9.67 -3.32
N TYR A 59 -6.19 -8.82 -3.92
CA TYR A 59 -7.01 -7.90 -3.15
C TYR A 59 -8.01 -8.68 -2.30
N MET A 60 -8.06 -8.37 -1.02
CA MET A 60 -9.00 -9.04 -0.11
C MET A 60 -10.32 -8.28 -0.04
N PRO A 61 -10.24 -6.98 0.02
CA PRO A 61 -11.45 -6.11 0.09
C PRO A 61 -12.37 -6.30 -1.11
N THR A 62 -13.67 -6.16 -0.88
CA THR A 62 -14.64 -6.31 -1.96
C THR A 62 -14.23 -5.46 -3.16
N GLU A 63 -14.66 -4.20 -3.17
CA GLU A 63 -14.34 -3.31 -4.27
C GLU A 63 -14.82 -1.89 -3.96
N MET A 64 -15.86 -1.78 -3.15
CA MET A 64 -16.40 -0.48 -2.78
C MET A 64 -15.56 0.16 -1.68
N GLU A 65 -14.97 -0.69 -0.83
CA GLU A 65 -14.13 -0.21 0.26
C GLU A 65 -12.90 0.50 -0.29
N LEU A 66 -12.46 0.08 -1.47
CA LEU A 66 -11.30 0.68 -2.10
C LEU A 66 -11.53 2.15 -2.36
N LEU A 67 -12.73 2.49 -2.79
CA LEU A 67 -13.07 3.88 -3.07
C LEU A 67 -12.99 4.71 -1.81
N GLU A 68 -13.43 4.14 -0.70
CA GLU A 68 -13.40 4.84 0.58
C GLU A 68 -11.96 5.13 1.00
N VAL A 69 -11.07 4.20 0.73
CA VAL A 69 -9.67 4.36 1.07
C VAL A 69 -9.06 5.54 0.30
N SER A 70 -9.57 5.79 -0.90
CA SER A 70 -9.08 6.88 -1.71
C SER A 70 -9.41 8.22 -1.07
N GLN A 71 -10.34 8.20 -0.12
CA GLN A 71 -10.75 9.43 0.57
C GLN A 71 -9.83 9.71 1.74
N HIS A 72 -9.11 8.69 2.19
CA HIS A 72 -8.19 8.83 3.30
C HIS A 72 -7.11 9.86 3.00
N VAL A 73 -6.96 10.18 1.71
CA VAL A 73 -5.96 11.15 1.28
C VAL A 73 -6.39 12.56 1.69
N LYS A 74 -7.67 12.73 1.94
CA LYS A 74 -8.20 14.04 2.33
C LYS A 74 -7.94 15.07 1.24
N MET A 75 -6.70 15.55 1.16
CA MET A 75 -6.33 16.54 0.16
C MET A 75 -6.03 15.87 -1.18
N ARG A 76 -6.44 16.53 -2.26
CA ARG A 76 -6.21 15.99 -3.60
C ARG A 76 -4.80 16.32 -4.07
N MET A 77 -4.10 17.13 -3.30
CA MET A 77 -2.73 17.52 -3.66
C MET A 77 -1.81 16.31 -3.65
N GLY A 78 -2.32 15.18 -3.15
CA GLY A 78 -1.53 13.96 -3.09
C GLY A 78 -0.91 13.78 -1.71
N GLY A 79 -1.42 12.80 -0.97
CA GLY A 79 -0.91 12.52 0.37
C GLY A 79 0.38 11.70 0.31
N PHE A 80 1.04 11.52 1.47
CA PHE A 80 2.27 10.75 1.51
C PHE A 80 2.06 9.48 2.32
N VAL A 81 2.50 8.35 1.76
CA VAL A 81 2.36 7.07 2.45
C VAL A 81 3.67 6.31 2.43
N ASP A 82 4.24 6.08 3.61
CA ASP A 82 5.49 5.34 3.73
C ASP A 82 5.21 3.84 3.82
N PHE A 83 6.28 3.05 3.87
CA PHE A 83 6.14 1.61 3.97
C PHE A 83 5.43 1.22 5.25
N GLU A 84 5.81 1.88 6.35
CA GLU A 84 5.20 1.60 7.64
C GLU A 84 3.73 2.03 7.65
N GLU A 85 3.44 3.14 6.98
CA GLU A 85 2.07 3.64 6.91
C GLU A 85 1.22 2.73 6.03
N PHE A 86 1.81 2.24 4.95
CA PHE A 86 1.10 1.35 4.04
C PHE A 86 0.67 0.08 4.78
N VAL A 87 1.61 -0.50 5.52
CA VAL A 87 1.34 -1.73 6.24
C VAL A 87 0.20 -1.50 7.26
N GLU A 88 0.29 -0.40 7.99
CA GLU A 88 -0.73 -0.07 8.97
C GLU A 88 -2.07 0.18 8.30
N LEU A 89 -2.02 0.70 7.08
CA LEU A 89 -3.23 0.98 6.34
C LEU A 89 -3.99 -0.31 6.01
N ILE A 90 -3.32 -1.21 5.32
CA ILE A 90 -3.92 -2.48 4.95
C ILE A 90 -4.10 -3.37 6.16
N SER A 91 -3.18 -3.25 7.12
CA SER A 91 -3.24 -4.05 8.33
C SER A 91 -4.14 -3.39 9.37
CA CA B . 9.53 7.33 -5.16
N ARG A 20 -1.01 -22.67 5.12
CA ARG A 20 -1.08 -21.25 5.57
C ARG A 20 -0.34 -21.11 6.89
N GLU A 21 0.92 -20.68 6.82
CA GLU A 21 1.73 -20.49 8.02
C GLU A 21 2.80 -19.43 7.79
N LEU A 22 2.62 -18.65 6.73
CA LEU A 22 3.58 -17.60 6.41
C LEU A 22 3.46 -16.43 7.38
N GLY A 23 4.57 -15.76 7.65
CA GLY A 23 4.57 -14.63 8.56
C GLY A 23 5.67 -13.64 8.21
N PRO A 24 6.88 -13.96 8.58
CA PRO A 24 8.06 -13.10 8.28
C PRO A 24 8.38 -13.06 6.79
N GLU A 25 8.09 -14.16 6.10
CA GLU A 25 8.36 -14.26 4.67
C GLU A 25 7.42 -13.33 3.90
N GLU A 26 6.10 -13.55 4.04
CA GLU A 26 5.13 -12.72 3.36
C GLU A 26 5.38 -11.25 3.66
N LEU A 27 5.65 -10.94 4.92
CA LEU A 27 5.91 -9.57 5.32
C LEU A 27 7.10 -9.02 4.54
N GLU A 28 8.15 -9.83 4.41
CA GLU A 28 9.33 -9.41 3.67
C GLU A 28 9.00 -9.18 2.20
N GLU A 29 8.10 -10.02 1.68
CA GLU A 29 7.69 -9.89 0.28
C GLU A 29 7.03 -8.54 0.04
N LEU A 30 6.25 -8.09 1.02
CA LEU A 30 5.57 -6.80 0.91
C LEU A 30 6.59 -5.67 0.81
N GLN A 31 7.65 -5.76 1.61
CA GLN A 31 8.70 -4.75 1.60
C GLN A 31 9.39 -4.72 0.25
N ALA A 32 9.65 -5.89 -0.31
CA ALA A 32 10.32 -5.99 -1.59
C ALA A 32 9.44 -5.36 -2.68
N ALA A 33 8.13 -5.53 -2.55
CA ALA A 33 7.20 -4.98 -3.51
C ALA A 33 7.26 -3.45 -3.50
N PHE A 34 7.33 -2.89 -2.30
CA PHE A 34 7.39 -1.44 -2.15
C PHE A 34 8.60 -0.88 -2.89
N GLU A 35 9.58 -1.74 -3.13
CA GLU A 35 10.80 -1.33 -3.83
C GLU A 35 10.48 -0.94 -5.27
N GLU A 36 9.57 -1.69 -5.88
CA GLU A 36 9.18 -1.40 -7.26
C GLU A 36 8.31 -0.14 -7.32
N PHE A 37 7.37 -0.05 -6.38
CA PHE A 37 6.48 1.11 -6.33
C PHE A 37 7.27 2.36 -5.96
N ASP A 38 8.24 2.22 -5.07
CA ASP A 38 9.05 3.34 -4.63
C ASP A 38 10.25 3.52 -5.56
N THR A 39 9.97 3.70 -6.85
CA THR A 39 11.03 3.88 -7.83
C THR A 39 11.89 5.09 -7.48
N ASP A 40 11.24 6.19 -7.09
CA ASP A 40 11.95 7.41 -6.73
C ASP A 40 12.65 7.25 -5.39
N GLN A 41 12.46 6.09 -4.75
CA GLN A 41 13.07 5.83 -3.46
C GLN A 41 12.96 7.06 -2.56
N ASP A 42 11.87 7.79 -2.69
CA ASP A 42 11.66 8.98 -1.88
C ASP A 42 11.07 8.60 -0.52
N GLY A 43 10.82 7.31 -0.33
CA GLY A 43 10.26 6.84 0.94
C GLY A 43 8.75 7.02 0.96
N TYR A 44 8.19 7.47 -0.15
CA TYR A 44 6.75 7.69 -0.23
C TYR A 44 6.25 7.41 -1.64
N ILE A 45 4.97 7.06 -1.77
CA ILE A 45 4.38 6.78 -3.06
C ILE A 45 3.09 7.58 -3.25
N GLY A 46 2.72 7.80 -4.51
CA GLY A 46 1.52 8.55 -4.82
C GLY A 46 0.27 7.72 -4.54
N TYR A 47 -0.70 8.33 -3.88
CA TYR A 47 -1.94 7.62 -3.54
C TYR A 47 -2.47 6.88 -4.77
N ARG A 48 -3.53 6.11 -4.56
CA ARG A 48 -4.13 5.35 -5.65
C ARG A 48 -3.27 4.15 -6.02
N GLU A 49 -1.96 4.32 -5.92
CA GLU A 49 -1.03 3.25 -6.25
C GLU A 49 -0.94 2.24 -5.12
N LEU A 50 -1.22 2.70 -3.91
CA LEU A 50 -1.17 1.83 -2.73
C LEU A 50 -2.19 0.70 -2.87
N GLY A 51 -3.32 1.00 -3.52
CA GLY A 51 -4.37 0.01 -3.70
C GLY A 51 -3.93 -1.10 -4.64
N ASP A 52 -3.27 -0.72 -5.73
CA ASP A 52 -2.80 -1.69 -6.71
C ASP A 52 -1.79 -2.63 -6.06
N CYS A 53 -0.99 -2.09 -5.14
CA CYS A 53 0.03 -2.88 -4.46
C CYS A 53 -0.61 -4.04 -3.70
N MET A 54 -1.74 -3.76 -3.05
CA MET A 54 -2.45 -4.79 -2.29
C MET A 54 -2.97 -5.88 -3.22
N ARG A 55 -3.47 -5.46 -4.38
CA ARG A 55 -4.01 -6.41 -5.36
C ARG A 55 -2.88 -7.23 -5.97
N THR A 56 -1.73 -6.59 -6.20
CA THR A 56 -0.59 -7.27 -6.79
C THR A 56 -0.30 -8.57 -6.05
N LEU A 57 -0.98 -8.77 -4.93
CA LEU A 57 -0.80 -9.98 -4.15
C LEU A 57 -2.07 -10.34 -3.39
N GLY A 58 -3.22 -10.03 -4.01
CA GLY A 58 -4.50 -10.33 -3.39
C GLY A 58 -5.65 -9.90 -4.30
N TYR A 59 -6.87 -10.17 -3.86
CA TYR A 59 -8.06 -9.81 -4.64
C TYR A 59 -9.27 -9.65 -3.74
N MET A 60 -9.05 -9.12 -2.55
CA MET A 60 -10.14 -8.92 -1.60
C MET A 60 -10.76 -7.53 -1.77
N PRO A 61 -9.93 -6.53 -1.96
CA PRO A 61 -10.40 -5.13 -2.14
C PRO A 61 -11.32 -4.98 -3.35
N THR A 62 -12.29 -4.07 -3.24
CA THR A 62 -13.23 -3.84 -4.33
C THR A 62 -13.23 -2.37 -4.72
N GLU A 63 -13.81 -2.06 -5.89
CA GLU A 63 -13.86 -0.69 -6.35
C GLU A 63 -14.35 0.24 -5.25
N MET A 64 -15.41 -0.18 -4.56
CA MET A 64 -15.98 0.62 -3.49
C MET A 64 -15.08 0.60 -2.26
N GLU A 65 -14.39 -0.52 -2.07
CA GLU A 65 -13.50 -0.66 -0.92
C GLU A 65 -12.31 0.30 -1.03
N LEU A 66 -11.61 0.24 -2.15
CA LEU A 66 -10.45 1.10 -2.35
C LEU A 66 -10.88 2.55 -2.55
N LEU A 67 -12.15 2.75 -2.88
CA LEU A 67 -12.68 4.09 -3.09
C LEU A 67 -12.58 4.91 -1.81
N GLU A 68 -12.99 4.29 -0.70
CA GLU A 68 -12.95 4.98 0.59
C GLU A 68 -11.51 5.33 0.97
N VAL A 69 -10.59 4.44 0.64
CA VAL A 69 -9.18 4.66 0.95
C VAL A 69 -8.67 5.93 0.24
N SER A 70 -9.09 6.10 -1.01
CA SER A 70 -8.67 7.26 -1.79
C SER A 70 -9.03 8.56 -1.06
N GLN A 71 -10.24 8.58 -0.50
CA GLN A 71 -10.71 9.76 0.23
C GLN A 71 -9.92 9.93 1.53
N HIS A 72 -9.38 8.83 2.03
CA HIS A 72 -8.62 8.87 3.28
C HIS A 72 -7.54 9.94 3.21
N VAL A 73 -7.31 10.47 2.01
CA VAL A 73 -6.30 11.50 1.82
C VAL A 73 -6.72 12.79 2.51
N LYS A 74 -7.98 13.18 2.33
CA LYS A 74 -8.50 14.39 2.95
C LYS A 74 -7.38 15.41 3.16
N MET A 75 -6.75 15.36 4.33
CA MET A 75 -5.67 16.28 4.64
C MET A 75 -4.80 16.54 3.41
N ARG A 76 -5.12 17.60 2.68
CA ARG A 76 -4.36 17.94 1.48
C ARG A 76 -4.36 16.78 0.49
N MET A 77 -4.57 17.09 -0.78
CA MET A 77 -4.58 16.06 -1.82
C MET A 77 -3.16 15.56 -2.10
N GLY A 78 -3.06 14.30 -2.49
CA GLY A 78 -1.76 13.71 -2.77
C GLY A 78 -0.91 13.60 -1.51
N GLY A 79 -1.54 13.19 -0.41
CA GLY A 79 -0.84 13.06 0.86
C GLY A 79 0.39 12.19 0.71
N PHE A 80 1.11 11.99 1.81
CA PHE A 80 2.32 11.15 1.79
C PHE A 80 2.08 9.86 2.55
N VAL A 81 2.39 8.74 1.91
CA VAL A 81 2.21 7.43 2.53
C VAL A 81 3.46 6.57 2.36
N ASP A 82 4.10 6.24 3.47
CA ASP A 82 5.30 5.42 3.44
C ASP A 82 4.92 3.95 3.59
N PHE A 83 5.93 3.08 3.59
CA PHE A 83 5.69 1.64 3.73
C PHE A 83 5.04 1.34 5.07
N GLU A 84 5.56 1.95 6.12
CA GLU A 84 5.01 1.73 7.46
C GLU A 84 3.61 2.32 7.57
N GLU A 85 3.35 3.37 6.79
CA GLU A 85 2.05 4.02 6.81
C GLU A 85 1.07 3.31 5.87
N PHE A 86 1.62 2.50 4.97
CA PHE A 86 0.81 1.75 4.02
C PHE A 86 0.43 0.38 4.60
N VAL A 87 1.39 -0.26 5.24
CA VAL A 87 1.16 -1.58 5.82
C VAL A 87 0.14 -1.51 6.93
N GLU A 88 0.30 -0.51 7.81
CA GLU A 88 -0.62 -0.35 8.93
C GLU A 88 -2.06 -0.65 8.51
N LEU A 89 -2.43 -0.19 7.32
CA LEU A 89 -3.77 -0.41 6.82
C LEU A 89 -4.04 -1.91 6.66
N ILE A 90 -3.08 -2.63 6.11
CA ILE A 90 -3.23 -4.07 5.91
C ILE A 90 -3.27 -4.78 7.25
N SER A 91 -2.53 -4.27 8.22
CA SER A 91 -2.50 -4.87 9.55
C SER A 91 -3.83 -4.68 10.26
CA CA B . 8.31 6.31 -3.29
N ARG A 20 -0.74 -19.25 9.90
CA ARG A 20 -0.33 -18.61 11.18
C ARG A 20 1.19 -18.63 11.25
N GLU A 21 1.78 -19.68 10.71
CA GLU A 21 3.23 -19.81 10.72
C GLU A 21 3.87 -18.66 9.95
N LEU A 22 3.15 -18.16 8.94
CA LEU A 22 3.66 -17.06 8.15
C LEU A 22 3.54 -15.74 8.90
N GLY A 23 4.63 -14.98 8.91
CA GLY A 23 4.66 -13.70 9.59
C GLY A 23 5.71 -12.78 8.98
N PRO A 24 6.96 -13.00 9.28
CA PRO A 24 8.08 -12.19 8.74
C PRO A 24 8.26 -12.40 7.25
N GLU A 25 7.96 -13.61 6.77
CA GLU A 25 8.10 -13.92 5.35
C GLU A 25 7.15 -13.06 4.54
N GLU A 26 5.86 -13.26 4.75
CA GLU A 26 4.84 -12.50 4.04
C GLU A 26 5.15 -11.00 4.15
N LEU A 27 5.56 -10.58 5.32
CA LEU A 27 5.89 -9.18 5.54
C LEU A 27 6.99 -8.74 4.58
N GLU A 28 7.97 -9.60 4.39
CA GLU A 28 9.09 -9.29 3.49
C GLU A 28 8.56 -9.08 2.08
N GLU A 29 7.52 -9.82 1.72
CA GLU A 29 6.94 -9.71 0.39
C GLU A 29 6.41 -8.29 0.16
N LEU A 30 5.87 -7.70 1.21
CA LEU A 30 5.34 -6.35 1.12
C LEU A 30 6.47 -5.36 0.83
N GLN A 31 7.63 -5.59 1.43
CA GLN A 31 8.77 -4.73 1.23
C GLN A 31 9.28 -4.82 -0.21
N ALA A 32 9.37 -6.05 -0.70
CA ALA A 32 9.84 -6.27 -2.06
C ALA A 32 8.92 -5.56 -3.06
N ALA A 33 7.63 -5.58 -2.77
CA ALA A 33 6.67 -4.94 -3.65
C ALA A 33 6.89 -3.43 -3.68
N PHE A 34 7.20 -2.86 -2.51
CA PHE A 34 7.43 -1.44 -2.42
C PHE A 34 8.58 -1.02 -3.33
N GLU A 35 9.50 -1.94 -3.54
CA GLU A 35 10.65 -1.67 -4.39
C GLU A 35 10.20 -1.36 -5.81
N GLU A 36 9.18 -2.09 -6.27
CA GLU A 36 8.64 -1.88 -7.60
C GLU A 36 7.89 -0.56 -7.69
N PHE A 37 7.23 -0.19 -6.60
CA PHE A 37 6.47 1.06 -6.54
C PHE A 37 7.36 2.20 -6.06
N ASP A 38 8.58 1.87 -5.67
CA ASP A 38 9.53 2.87 -5.18
C ASP A 38 10.90 2.66 -5.79
N THR A 39 11.14 3.27 -6.94
CA THR A 39 12.43 3.14 -7.61
C THR A 39 13.54 3.80 -6.81
N ASP A 40 13.22 4.92 -6.19
CA ASP A 40 14.19 5.66 -5.38
C ASP A 40 14.25 5.10 -3.97
N GLN A 41 13.42 4.09 -3.70
CA GLN A 41 13.39 3.47 -2.37
C GLN A 41 13.46 4.53 -1.27
N ASP A 42 12.71 5.61 -1.47
CA ASP A 42 12.69 6.69 -0.50
C ASP A 42 11.76 6.34 0.66
N GLY A 43 11.12 5.18 0.58
CA GLY A 43 10.20 4.74 1.62
C GLY A 43 8.90 5.52 1.55
N TYR A 44 8.79 6.40 0.56
CA TYR A 44 7.59 7.23 0.39
C TYR A 44 7.05 7.12 -1.03
N ILE A 45 5.74 6.93 -1.15
CA ILE A 45 5.11 6.82 -2.46
C ILE A 45 3.78 7.56 -2.48
N GLY A 46 3.24 7.77 -3.66
CA GLY A 46 1.96 8.47 -3.81
C GLY A 46 0.86 7.72 -3.09
N TYR A 47 -0.33 7.70 -3.69
CA TYR A 47 -1.48 7.01 -3.10
C TYR A 47 -2.17 6.12 -4.14
N ARG A 48 -2.06 6.52 -5.40
CA ARG A 48 -2.68 5.75 -6.47
C ARG A 48 -2.07 4.36 -6.56
N GLU A 49 -0.75 4.30 -6.46
CA GLU A 49 -0.05 3.02 -6.52
C GLU A 49 -0.43 2.15 -5.33
N LEU A 50 -0.94 2.78 -4.28
CA LEU A 50 -1.32 2.05 -3.08
C LEU A 50 -2.34 0.96 -3.43
N GLY A 51 -3.38 1.34 -4.16
CA GLY A 51 -4.41 0.39 -4.55
C GLY A 51 -3.83 -0.69 -5.46
N ASP A 52 -2.99 -0.28 -6.40
CA ASP A 52 -2.38 -1.22 -7.32
C ASP A 52 -1.52 -2.23 -6.57
N CYS A 53 -0.72 -1.74 -5.64
CA CYS A 53 0.14 -2.62 -4.85
C CYS A 53 -0.68 -3.73 -4.21
N MET A 54 -1.92 -3.42 -3.86
CA MET A 54 -2.80 -4.41 -3.23
C MET A 54 -3.06 -5.57 -4.19
N ARG A 55 -3.17 -5.26 -5.47
CA ARG A 55 -3.44 -6.29 -6.47
C ARG A 55 -2.18 -7.08 -6.77
N THR A 56 -1.06 -6.61 -6.28
CA THR A 56 0.22 -7.30 -6.49
C THR A 56 0.20 -8.69 -5.88
N LEU A 57 -0.90 -9.01 -5.22
CA LEU A 57 -1.05 -10.32 -4.59
C LEU A 57 -2.46 -10.86 -4.79
N GLY A 58 -3.08 -10.45 -5.88
CA GLY A 58 -4.43 -10.91 -6.20
C GLY A 58 -5.31 -10.91 -4.96
N TYR A 59 -5.31 -9.80 -4.23
CA TYR A 59 -6.10 -9.69 -3.01
C TYR A 59 -7.58 -9.89 -3.32
N MET A 60 -8.03 -9.33 -4.43
CA MET A 60 -9.42 -9.46 -4.84
C MET A 60 -10.33 -8.58 -3.97
N PRO A 61 -10.09 -7.30 -3.98
CA PRO A 61 -10.89 -6.33 -3.19
C PRO A 61 -12.31 -6.17 -3.73
N THR A 62 -13.26 -5.93 -2.84
CA THR A 62 -14.64 -5.76 -3.24
C THR A 62 -14.76 -4.66 -4.30
N GLU A 63 -14.96 -3.43 -3.84
CA GLU A 63 -15.10 -2.29 -4.75
C GLU A 63 -15.22 -0.99 -3.97
N MET A 64 -16.04 -1.00 -2.92
CA MET A 64 -16.24 0.18 -2.10
C MET A 64 -15.02 0.43 -1.21
N GLU A 65 -14.35 -0.65 -0.81
CA GLU A 65 -13.17 -0.53 0.04
C GLU A 65 -12.11 0.32 -0.64
N LEU A 66 -11.93 0.13 -1.94
CA LEU A 66 -10.94 0.88 -2.69
C LEU A 66 -11.21 2.38 -2.58
N LEU A 67 -12.47 2.76 -2.69
CA LEU A 67 -12.85 4.16 -2.59
C LEU A 67 -12.49 4.71 -1.21
N GLU A 68 -12.74 3.91 -0.19
CA GLU A 68 -12.44 4.32 1.18
C GLU A 68 -10.95 4.60 1.33
N VAL A 69 -10.13 3.75 0.73
CA VAL A 69 -8.69 3.91 0.80
C VAL A 69 -8.25 5.20 0.10
N SER A 70 -8.85 5.46 -1.06
CA SER A 70 -8.51 6.66 -1.83
C SER A 70 -8.87 7.92 -1.04
N GLN A 71 -9.96 7.84 -0.28
CA GLN A 71 -10.40 8.98 0.52
C GLN A 71 -9.59 9.07 1.81
N HIS A 72 -8.88 8.00 2.14
CA HIS A 72 -8.07 7.96 3.35
C HIS A 72 -7.03 9.08 3.33
N VAL A 73 -6.89 9.73 2.18
CA VAL A 73 -5.93 10.81 2.04
C VAL A 73 -6.24 11.93 3.01
N LYS A 74 -7.53 12.15 3.29
CA LYS A 74 -7.95 13.19 4.23
C LYS A 74 -7.06 14.42 4.09
N MET A 75 -6.48 14.60 2.92
CA MET A 75 -5.60 15.73 2.67
C MET A 75 -5.21 15.81 1.20
N ARG A 76 -6.05 16.48 0.42
CA ARG A 76 -5.79 16.62 -1.00
C ARG A 76 -5.75 15.26 -1.69
N MET A 77 -6.08 15.23 -2.97
CA MET A 77 -6.08 13.99 -3.73
C MET A 77 -4.67 13.40 -3.78
N GLY A 78 -3.67 14.27 -3.89
CA GLY A 78 -2.29 13.82 -3.94
C GLY A 78 -1.76 13.53 -2.56
N GLY A 79 -2.54 12.78 -1.78
CA GLY A 79 -2.13 12.43 -0.41
C GLY A 79 -0.78 11.75 -0.40
N PHE A 80 -0.21 11.52 0.79
CA PHE A 80 1.09 10.86 0.90
C PHE A 80 1.02 9.73 1.92
N VAL A 81 1.78 8.66 1.66
CA VAL A 81 1.79 7.51 2.57
C VAL A 81 3.14 6.82 2.53
N ASP A 82 3.68 6.53 3.70
CA ASP A 82 4.97 5.85 3.80
C ASP A 82 4.76 4.34 3.88
N PHE A 83 5.85 3.60 3.99
CA PHE A 83 5.78 2.15 4.08
C PHE A 83 5.06 1.73 5.36
N GLU A 84 5.38 2.40 6.46
CA GLU A 84 4.76 2.09 7.74
C GLU A 84 3.28 2.45 7.73
N GLU A 85 2.92 3.51 7.00
CA GLU A 85 1.53 3.92 6.93
C GLU A 85 0.78 3.08 5.91
N PHE A 86 1.50 2.64 4.89
CA PHE A 86 0.89 1.80 3.87
C PHE A 86 0.47 0.46 4.47
N VAL A 87 1.38 -0.15 5.22
CA VAL A 87 1.11 -1.44 5.84
C VAL A 87 0.04 -1.30 6.91
N GLU A 88 0.17 -0.26 7.74
CA GLU A 88 -0.76 -0.01 8.82
C GLU A 88 -2.19 -0.32 8.37
N LEU A 89 -2.53 0.11 7.16
CA LEU A 89 -3.86 -0.15 6.63
C LEU A 89 -4.12 -1.65 6.48
N ILE A 90 -3.13 -2.35 5.98
CA ILE A 90 -3.27 -3.80 5.79
C ILE A 90 -3.17 -4.53 7.13
N SER A 91 -2.37 -3.98 8.04
CA SER A 91 -2.20 -4.57 9.34
C SER A 91 -1.75 -6.03 9.22
CA CA B . 10.29 7.16 -3.59
N ARG A 20 2.62 -22.27 8.93
CA ARG A 20 3.35 -22.15 10.23
C ARG A 20 4.50 -21.15 10.07
N GLU A 21 5.55 -21.58 9.38
CA GLU A 21 6.71 -20.71 9.17
C GLU A 21 6.28 -19.37 8.58
N LEU A 22 5.01 -19.26 8.24
CA LEU A 22 4.48 -18.03 7.67
C LEU A 22 4.60 -16.88 8.65
N GLY A 23 4.57 -15.67 8.13
CA GLY A 23 4.69 -14.48 8.97
C GLY A 23 5.69 -13.50 8.37
N PRO A 24 6.96 -13.74 8.58
CA PRO A 24 8.05 -12.86 8.06
C PRO A 24 8.12 -12.89 6.53
N GLU A 25 7.72 -14.02 5.96
CA GLU A 25 7.76 -14.17 4.50
C GLU A 25 6.78 -13.20 3.85
N GLU A 26 5.58 -13.11 4.40
CA GLU A 26 4.57 -12.21 3.86
C GLU A 26 4.98 -10.77 4.10
N LEU A 27 5.35 -10.46 5.34
CA LEU A 27 5.73 -9.10 5.68
C LEU A 27 6.88 -8.65 4.79
N GLU A 28 7.89 -9.49 4.67
CA GLU A 28 9.05 -9.17 3.85
C GLU A 28 8.62 -9.01 2.39
N GLU A 29 7.65 -9.81 1.97
CA GLU A 29 7.16 -9.75 0.60
C GLU A 29 6.59 -8.36 0.31
N LEU A 30 5.91 -7.79 1.30
CA LEU A 30 5.32 -6.46 1.16
C LEU A 30 6.41 -5.43 0.91
N GLN A 31 7.52 -5.56 1.61
CA GLN A 31 8.63 -4.63 1.45
C GLN A 31 9.18 -4.69 0.03
N ALA A 32 9.32 -5.91 -0.49
CA ALA A 32 9.84 -6.09 -1.84
C ALA A 32 8.96 -5.37 -2.84
N ALA A 33 7.66 -5.36 -2.58
CA ALA A 33 6.72 -4.69 -3.47
C ALA A 33 6.95 -3.17 -3.44
N PHE A 34 7.12 -2.64 -2.25
CA PHE A 34 7.33 -1.21 -2.08
C PHE A 34 8.52 -0.76 -2.91
N GLU A 35 9.53 -1.63 -3.01
CA GLU A 35 10.72 -1.31 -3.78
C GLU A 35 10.37 -1.10 -5.25
N GLU A 36 9.46 -1.91 -5.76
CA GLU A 36 9.04 -1.80 -7.15
C GLU A 36 8.21 -0.53 -7.35
N PHE A 37 7.40 -0.20 -6.35
CA PHE A 37 6.56 1.00 -6.44
C PHE A 37 7.39 2.25 -6.19
N ASP A 38 8.26 2.19 -5.19
CA ASP A 38 9.12 3.33 -4.86
C ASP A 38 10.45 3.22 -5.56
N THR A 39 10.44 3.39 -6.88
CA THR A 39 11.66 3.32 -7.67
C THR A 39 12.66 4.38 -7.23
N ASP A 40 12.15 5.58 -7.02
CA ASP A 40 12.98 6.70 -6.60
C ASP A 40 13.48 6.50 -5.17
N GLN A 41 12.82 5.61 -4.44
CA GLN A 41 13.20 5.32 -3.07
C GLN A 41 13.03 6.57 -2.21
N ASP A 42 11.94 7.30 -2.42
CA ASP A 42 11.67 8.52 -1.66
C ASP A 42 10.99 8.18 -0.33
N GLY A 43 10.67 6.90 -0.14
CA GLY A 43 10.01 6.46 1.08
C GLY A 43 8.51 6.67 0.99
N TYR A 44 8.04 7.10 -0.18
CA TYR A 44 6.62 7.35 -0.39
C TYR A 44 6.21 6.94 -1.80
N ILE A 45 4.94 6.58 -1.97
CA ILE A 45 4.42 6.18 -3.27
C ILE A 45 3.16 6.96 -3.63
N GLY A 46 2.94 7.15 -4.92
CA GLY A 46 1.77 7.89 -5.37
C GLY A 46 0.49 7.25 -4.85
N TYR A 47 -0.43 8.09 -4.38
CA TYR A 47 -1.69 7.60 -3.84
C TYR A 47 -2.38 6.69 -4.85
N ARG A 48 -2.20 7.00 -6.13
CA ARG A 48 -2.81 6.22 -7.20
C ARG A 48 -2.27 4.79 -7.18
N GLU A 49 -0.99 4.66 -6.87
CA GLU A 49 -0.36 3.35 -6.83
C GLU A 49 -0.65 2.64 -5.52
N LEU A 50 -1.17 3.40 -4.56
CA LEU A 50 -1.48 2.83 -3.25
C LEU A 50 -2.46 1.66 -3.40
N GLY A 51 -3.50 1.87 -4.18
CA GLY A 51 -4.49 0.82 -4.40
C GLY A 51 -3.91 -0.31 -5.24
N ASP A 52 -3.14 0.05 -6.27
CA ASP A 52 -2.53 -0.94 -7.14
C ASP A 52 -1.66 -1.89 -6.34
N CYS A 53 -1.07 -1.38 -5.27
CA CYS A 53 -0.20 -2.19 -4.42
C CYS A 53 -0.98 -3.35 -3.83
N MET A 54 -2.22 -3.09 -3.43
CA MET A 54 -3.06 -4.12 -2.83
C MET A 54 -3.36 -5.21 -3.87
N ARG A 55 -3.63 -4.79 -5.11
CA ARG A 55 -3.93 -5.73 -6.18
C ARG A 55 -2.74 -6.64 -6.44
N THR A 56 -1.55 -6.05 -6.42
CA THR A 56 -0.33 -6.81 -6.66
C THR A 56 -0.15 -7.90 -5.61
N LEU A 57 -1.07 -7.94 -4.67
CA LEU A 57 -1.01 -8.93 -3.60
C LEU A 57 -2.38 -9.11 -2.95
N GLY A 58 -3.43 -8.86 -3.72
CA GLY A 58 -4.79 -8.99 -3.21
C GLY A 58 -5.67 -9.73 -4.21
N TYR A 59 -5.16 -9.91 -5.43
CA TYR A 59 -5.91 -10.61 -6.46
C TYR A 59 -7.33 -10.04 -6.58
N MET A 60 -7.45 -8.95 -7.32
CA MET A 60 -8.75 -8.32 -7.51
C MET A 60 -9.38 -7.98 -6.16
N PRO A 61 -9.30 -6.74 -5.73
CA PRO A 61 -9.88 -6.30 -4.43
C PRO A 61 -11.39 -6.12 -4.51
N THR A 62 -12.01 -5.93 -3.35
CA THR A 62 -13.46 -5.73 -3.30
C THR A 62 -13.91 -4.76 -4.40
N GLU A 63 -14.18 -3.52 -4.02
CA GLU A 63 -14.61 -2.52 -4.98
C GLU A 63 -14.75 -1.16 -4.30
N MET A 64 -15.49 -1.13 -3.20
CA MET A 64 -15.70 0.12 -2.46
C MET A 64 -14.67 0.25 -1.35
N GLU A 65 -14.24 -0.87 -0.80
CA GLU A 65 -13.27 -0.87 0.29
C GLU A 65 -12.03 -0.07 -0.12
N LEU A 66 -11.42 -0.45 -1.23
CA LEU A 66 -10.22 0.23 -1.70
C LEU A 66 -10.53 1.69 -2.03
N LEU A 67 -11.70 1.91 -2.60
CA LEU A 67 -12.09 3.26 -2.97
C LEU A 67 -12.10 4.17 -1.75
N GLU A 68 -12.59 3.65 -0.64
CA GLU A 68 -12.65 4.43 0.60
C GLU A 68 -11.25 4.78 1.08
N VAL A 69 -10.32 3.86 0.89
CA VAL A 69 -8.93 4.06 1.31
C VAL A 69 -8.32 5.23 0.55
N SER A 70 -8.61 5.31 -0.74
CA SER A 70 -8.07 6.38 -1.58
C SER A 70 -8.45 7.74 -1.01
N GLN A 71 -9.71 7.89 -0.62
CA GLN A 71 -10.19 9.15 -0.06
C GLN A 71 -9.60 9.37 1.32
N HIS A 72 -9.27 8.28 2.00
CA HIS A 72 -8.71 8.37 3.35
C HIS A 72 -7.31 8.98 3.29
N VAL A 73 -6.75 9.04 2.09
CA VAL A 73 -5.42 9.61 1.91
C VAL A 73 -5.44 11.10 2.17
N LYS A 74 -6.45 11.78 1.64
CA LYS A 74 -6.58 13.22 1.81
C LYS A 74 -7.61 13.79 0.85
N MET A 75 -7.56 13.30 -0.38
CA MET A 75 -8.48 13.77 -1.42
C MET A 75 -8.24 15.26 -1.72
N ARG A 76 -7.68 15.99 -0.76
CA ARG A 76 -7.41 17.41 -0.94
C ARG A 76 -5.96 17.62 -1.34
N MET A 77 -5.13 17.98 -0.37
CA MET A 77 -3.72 18.23 -0.63
C MET A 77 -3.04 16.97 -1.13
N GLY A 78 -3.34 15.84 -0.49
CA GLY A 78 -2.74 14.57 -0.87
C GLY A 78 -1.60 14.20 0.07
N GLY A 79 -1.95 13.71 1.24
CA GLY A 79 -0.93 13.33 2.23
C GLY A 79 -0.04 12.22 1.69
N PHE A 80 1.14 12.05 2.29
CA PHE A 80 2.08 11.03 1.85
C PHE A 80 1.86 9.74 2.63
N VAL A 81 2.21 8.61 2.02
CA VAL A 81 2.06 7.31 2.68
C VAL A 81 3.34 6.50 2.58
N ASP A 82 3.97 6.25 3.73
CA ASP A 82 5.21 5.48 3.76
C ASP A 82 4.90 4.00 3.88
N PHE A 83 5.95 3.18 3.93
CA PHE A 83 5.78 1.74 4.04
C PHE A 83 5.05 1.38 5.33
N GLU A 84 5.44 2.02 6.43
CA GLU A 84 4.82 1.75 7.72
C GLU A 84 3.36 2.16 7.71
N GLU A 85 3.06 3.27 7.06
CA GLU A 85 1.69 3.76 6.96
C GLU A 85 0.88 2.89 6.02
N PHE A 86 1.50 2.49 4.91
CA PHE A 86 0.83 1.64 3.94
C PHE A 86 0.46 0.31 4.57
N VAL A 87 1.42 -0.28 5.31
CA VAL A 87 1.18 -1.57 5.94
C VAL A 87 0.10 -1.45 7.00
N GLU A 88 0.18 -0.37 7.79
CA GLU A 88 -0.79 -0.15 8.86
C GLU A 88 -2.19 -0.57 8.41
N LEU A 89 -2.52 -0.26 7.17
CA LEU A 89 -3.82 -0.61 6.64
C LEU A 89 -4.00 -2.13 6.61
N ILE A 90 -2.95 -2.84 6.22
CA ILE A 90 -3.00 -4.29 6.15
C ILE A 90 -2.49 -4.91 7.45
N SER A 91 -2.43 -4.10 8.50
CA SER A 91 -1.96 -4.58 9.79
C SER A 91 -2.58 -3.76 10.93
CA CA B . 9.85 7.70 -5.54
N ARG A 20 -1.83 -14.66 10.38
CA ARG A 20 -1.45 -15.30 11.67
C ARG A 20 -0.20 -16.15 11.46
N GLU A 21 -0.39 -17.34 10.91
CA GLU A 21 0.73 -18.25 10.68
C GLU A 21 1.85 -17.54 9.92
N LEU A 22 1.48 -16.84 8.85
CA LEU A 22 2.46 -16.11 8.05
C LEU A 22 2.55 -14.66 8.51
N GLY A 23 3.61 -13.98 8.09
CA GLY A 23 3.80 -12.58 8.46
C GLY A 23 5.29 -12.22 8.44
N PRO A 24 6.09 -12.90 9.23
CA PRO A 24 7.56 -12.63 9.30
C PRO A 24 8.19 -12.56 7.92
N GLU A 25 8.21 -13.69 7.21
CA GLU A 25 8.76 -13.73 5.86
C GLU A 25 7.81 -13.06 4.87
N GLU A 26 6.52 -13.35 5.03
CA GLU A 26 5.52 -12.77 4.14
C GLU A 26 5.66 -11.26 4.10
N LEU A 27 5.87 -10.66 5.28
CA LEU A 27 6.01 -9.23 5.34
C LEU A 27 7.23 -8.78 4.54
N GLU A 28 8.35 -9.44 4.76
CA GLU A 28 9.59 -9.10 4.06
C GLU A 28 9.37 -9.16 2.56
N GLU A 29 8.57 -10.13 2.12
CA GLU A 29 8.28 -10.28 0.70
C GLU A 29 7.45 -9.09 0.20
N LEU A 30 6.57 -8.60 1.06
CA LEU A 30 5.72 -7.47 0.70
C LEU A 30 6.57 -6.24 0.41
N GLN A 31 7.57 -6.01 1.26
CA GLN A 31 8.46 -4.86 1.09
C GLN A 31 9.08 -4.89 -0.30
N ALA A 32 9.23 -6.09 -0.86
CA ALA A 32 9.81 -6.24 -2.19
C ALA A 32 8.97 -5.49 -3.22
N ALA A 33 7.66 -5.45 -2.99
CA ALA A 33 6.76 -4.76 -3.90
C ALA A 33 6.97 -3.26 -3.80
N PHE A 34 7.05 -2.75 -2.57
CA PHE A 34 7.24 -1.33 -2.35
C PHE A 34 8.47 -0.84 -3.12
N GLU A 35 9.41 -1.74 -3.34
CA GLU A 35 10.63 -1.39 -4.06
C GLU A 35 10.32 -1.16 -5.54
N GLU A 36 9.42 -1.96 -6.08
CA GLU A 36 9.03 -1.84 -7.48
C GLU A 36 8.19 -0.58 -7.70
N PHE A 37 7.28 -0.32 -6.76
CA PHE A 37 6.42 0.85 -6.85
C PHE A 37 7.22 2.13 -6.62
N ASP A 38 8.15 2.07 -5.67
CA ASP A 38 8.99 3.23 -5.36
C ASP A 38 10.25 3.22 -6.21
N THR A 39 10.12 3.69 -7.44
CA THR A 39 11.27 3.74 -8.34
C THR A 39 12.29 4.76 -7.87
N ASP A 40 11.81 5.88 -7.37
CA ASP A 40 12.69 6.94 -6.88
C ASP A 40 13.17 6.63 -5.47
N GLN A 41 12.69 5.52 -4.92
CA GLN A 41 13.08 5.12 -3.56
C GLN A 41 13.04 6.31 -2.61
N ASP A 42 11.99 7.12 -2.74
CA ASP A 42 11.82 8.29 -1.88
C ASP A 42 11.23 7.89 -0.54
N GLY A 43 10.85 6.62 -0.41
CA GLY A 43 10.27 6.13 0.83
C GLY A 43 8.79 6.50 0.92
N TYR A 44 8.26 7.06 -0.16
CA TYR A 44 6.86 7.47 -0.19
C TYR A 44 6.23 7.14 -1.54
N ILE A 45 4.96 6.77 -1.51
CA ILE A 45 4.24 6.44 -2.75
C ILE A 45 2.94 7.24 -2.84
N GLY A 46 2.36 7.25 -4.03
CA GLY A 46 1.10 7.98 -4.24
C GLY A 46 -0.10 7.09 -3.93
N TYR A 47 -1.07 7.65 -3.22
CA TYR A 47 -2.27 6.90 -2.87
C TYR A 47 -2.85 6.20 -4.10
N ARG A 48 -2.57 6.76 -5.26
CA ARG A 48 -3.06 6.18 -6.51
C ARG A 48 -2.44 4.81 -6.74
N GLU A 49 -1.16 4.68 -6.44
CA GLU A 49 -0.45 3.42 -6.62
C GLU A 49 -0.70 2.49 -5.44
N LEU A 50 -1.21 3.06 -4.35
CA LEU A 50 -1.49 2.27 -3.17
C LEU A 50 -2.51 1.18 -3.48
N GLY A 51 -3.55 1.54 -4.21
CA GLY A 51 -4.59 0.58 -4.58
C GLY A 51 -4.03 -0.54 -5.44
N ASP A 52 -3.22 -0.17 -6.43
CA ASP A 52 -2.63 -1.16 -7.32
C ASP A 52 -1.71 -2.09 -6.53
N CYS A 53 -1.03 -1.54 -5.53
CA CYS A 53 -0.13 -2.33 -4.70
C CYS A 53 -0.91 -3.40 -3.94
N MET A 54 -2.10 -3.03 -3.47
CA MET A 54 -2.94 -3.97 -2.73
C MET A 54 -3.32 -5.14 -3.61
N ARG A 55 -3.63 -4.87 -4.87
CA ARG A 55 -4.02 -5.92 -5.80
C ARG A 55 -2.89 -6.93 -5.96
N THR A 56 -1.66 -6.44 -6.01
CA THR A 56 -0.50 -7.31 -6.15
C THR A 56 -0.45 -8.34 -5.03
N LEU A 57 -1.40 -8.25 -4.12
CA LEU A 57 -1.46 -9.18 -2.99
C LEU A 57 -2.76 -9.00 -2.22
N GLY A 58 -3.82 -8.63 -2.92
CA GLY A 58 -5.12 -8.43 -2.29
C GLY A 58 -5.84 -9.75 -2.09
N TYR A 59 -6.44 -9.92 -0.92
CA TYR A 59 -7.16 -11.15 -0.61
C TYR A 59 -8.45 -11.24 -1.41
N MET A 60 -9.36 -10.29 -1.18
CA MET A 60 -10.63 -10.26 -1.88
C MET A 60 -11.40 -9.00 -1.53
N PRO A 61 -10.86 -7.86 -1.84
CA PRO A 61 -11.52 -6.55 -1.56
C PRO A 61 -12.73 -6.31 -2.46
N THR A 62 -13.67 -5.52 -1.98
CA THR A 62 -14.87 -5.21 -2.74
C THR A 62 -14.50 -4.53 -4.06
N GLU A 63 -15.33 -3.58 -4.49
CA GLU A 63 -15.07 -2.86 -5.73
C GLU A 63 -15.22 -1.36 -5.51
N MET A 64 -15.91 -0.98 -4.44
CA MET A 64 -16.11 0.44 -4.11
C MET A 64 -15.54 0.75 -2.73
N GLU A 65 -15.35 -0.30 -1.93
CA GLU A 65 -14.82 -0.13 -0.58
C GLU A 65 -13.39 0.40 -0.63
N LEU A 66 -12.56 -0.21 -1.47
CA LEU A 66 -11.17 0.21 -1.60
C LEU A 66 -11.11 1.66 -2.11
N LEU A 67 -12.07 2.02 -2.96
CA LEU A 67 -12.12 3.36 -3.52
C LEU A 67 -12.35 4.38 -2.41
N GLU A 68 -13.12 3.98 -1.41
CA GLU A 68 -13.43 4.87 -0.29
C GLU A 68 -12.17 5.13 0.54
N VAL A 69 -11.29 4.13 0.60
CA VAL A 69 -10.05 4.26 1.36
C VAL A 69 -9.14 5.29 0.72
N SER A 70 -9.27 5.46 -0.59
CA SER A 70 -8.44 6.41 -1.32
C SER A 70 -8.61 7.81 -0.75
N GLN A 71 -9.70 8.02 -0.01
CA GLN A 71 -9.98 9.32 0.59
C GLN A 71 -9.11 9.53 1.83
N HIS A 72 -8.46 8.47 2.28
CA HIS A 72 -7.61 8.54 3.46
C HIS A 72 -6.62 9.69 3.33
N VAL A 73 -6.55 10.28 2.13
CA VAL A 73 -5.65 11.38 1.90
C VAL A 73 -6.13 12.64 2.62
N LYS A 74 -7.43 12.70 2.88
CA LYS A 74 -8.01 13.85 3.56
C LYS A 74 -7.65 15.15 2.84
N MET A 75 -7.16 15.01 1.61
CA MET A 75 -6.78 16.19 0.82
C MET A 75 -6.73 15.84 -0.66
N ARG A 76 -7.90 15.87 -1.31
CA ARG A 76 -7.97 15.56 -2.73
C ARG A 76 -7.06 14.39 -3.08
N MET A 77 -5.83 14.71 -3.50
CA MET A 77 -4.87 13.68 -3.85
C MET A 77 -3.45 14.23 -3.79
N GLY A 78 -2.54 13.45 -3.20
CA GLY A 78 -1.15 13.88 -3.09
C GLY A 78 -0.60 13.59 -1.69
N GLY A 79 -1.29 12.70 -0.97
CA GLY A 79 -0.87 12.33 0.38
C GLY A 79 0.43 11.54 0.35
N PHE A 80 1.11 11.47 1.50
CA PHE A 80 2.37 10.73 1.59
C PHE A 80 2.26 9.67 2.68
N VAL A 81 2.73 8.47 2.37
CA VAL A 81 2.71 7.37 3.33
C VAL A 81 3.90 6.44 3.12
N ASP A 82 4.68 6.23 4.19
CA ASP A 82 5.83 5.35 4.11
C ASP A 82 5.40 3.89 4.12
N PHE A 83 6.36 2.99 3.97
CA PHE A 83 6.06 1.57 3.95
C PHE A 83 5.33 1.16 5.23
N GLU A 84 5.78 1.68 6.36
CA GLU A 84 5.15 1.37 7.63
C GLU A 84 3.73 1.94 7.68
N GLU A 85 3.52 3.08 7.04
CA GLU A 85 2.22 3.72 7.03
C GLU A 85 1.25 2.91 6.16
N PHE A 86 1.71 2.50 4.98
CA PHE A 86 0.89 1.71 4.09
C PHE A 86 0.48 0.39 4.76
N VAL A 87 1.45 -0.27 5.37
CA VAL A 87 1.17 -1.54 6.03
C VAL A 87 0.21 -1.34 7.20
N GLU A 88 0.49 -0.30 8.00
CA GLU A 88 -0.36 -0.02 9.15
C GLU A 88 -1.81 0.16 8.72
N LEU A 89 -2.00 0.46 7.44
CA LEU A 89 -3.35 0.66 6.91
C LEU A 89 -3.92 -0.66 6.37
N ILE A 90 -3.10 -1.38 5.62
CA ILE A 90 -3.55 -2.64 5.04
C ILE A 90 -3.76 -3.69 6.13
N SER A 91 -2.99 -3.58 7.20
CA SER A 91 -3.09 -4.53 8.30
C SER A 91 -2.25 -4.08 9.48
CA CA B . 8.73 6.74 -4.06
N ARG A 20 3.29 -21.28 5.69
CA ARG A 20 3.07 -22.37 6.68
C ARG A 20 3.37 -21.86 8.09
N GLU A 21 4.65 -21.80 8.43
CA GLU A 21 5.06 -21.33 9.75
C GLU A 21 4.45 -19.96 10.04
N LEU A 22 4.13 -19.23 8.97
CA LEU A 22 3.55 -17.91 9.13
C LEU A 22 4.44 -17.03 10.00
N GLY A 23 5.10 -16.06 9.37
CA GLY A 23 5.97 -15.15 10.10
C GLY A 23 6.25 -13.90 9.28
N PRO A 24 7.32 -13.21 9.59
CA PRO A 24 7.70 -11.96 8.87
C PRO A 24 7.87 -12.20 7.38
N GLU A 25 8.12 -13.45 7.01
CA GLU A 25 8.30 -13.79 5.60
C GLU A 25 7.24 -13.09 4.75
N GLU A 26 5.98 -13.28 5.13
CA GLU A 26 4.88 -12.65 4.40
C GLU A 26 5.04 -11.14 4.41
N LEU A 27 5.35 -10.58 5.57
CA LEU A 27 5.51 -9.14 5.70
C LEU A 27 6.62 -8.67 4.77
N GLU A 28 7.69 -9.45 4.68
CA GLU A 28 8.82 -9.10 3.84
C GLU A 28 8.40 -9.05 2.38
N GLU A 29 7.51 -9.96 1.99
CA GLU A 29 7.04 -10.01 0.61
C GLU A 29 6.38 -8.70 0.22
N LEU A 30 5.70 -8.08 1.19
CA LEU A 30 5.04 -6.81 0.94
C LEU A 30 6.05 -5.72 0.65
N GLN A 31 7.19 -5.78 1.33
CA GLN A 31 8.24 -4.78 1.14
C GLN A 31 8.76 -4.86 -0.29
N ALA A 32 8.93 -6.07 -0.80
CA ALA A 32 9.44 -6.27 -2.15
C ALA A 32 8.56 -5.51 -3.14
N ALA A 33 7.25 -5.60 -2.94
CA ALA A 33 6.31 -4.91 -3.83
C ALA A 33 6.50 -3.40 -3.73
N PHE A 34 6.66 -2.91 -2.50
CA PHE A 34 6.85 -1.48 -2.28
C PHE A 34 8.06 -0.97 -3.07
N GLU A 35 9.12 -1.78 -3.06
CA GLU A 35 10.35 -1.40 -3.78
C GLU A 35 10.04 -1.18 -5.25
N GLU A 36 9.19 -2.02 -5.82
CA GLU A 36 8.82 -1.90 -7.22
C GLU A 36 8.00 -0.63 -7.44
N PHE A 37 7.33 -0.17 -6.39
CA PHE A 37 6.50 1.02 -6.48
C PHE A 37 7.16 2.18 -5.74
N ASP A 38 8.37 1.94 -5.24
CA ASP A 38 9.11 2.97 -4.51
C ASP A 38 10.49 3.16 -5.11
N THR A 39 10.54 3.37 -6.43
CA THR A 39 11.80 3.57 -7.12
C THR A 39 12.48 4.86 -6.65
N ASP A 40 11.67 5.89 -6.44
CA ASP A 40 12.20 7.18 -5.99
C ASP A 40 12.81 7.05 -4.60
N GLN A 41 12.28 6.12 -3.81
CA GLN A 41 12.79 5.91 -2.46
C GLN A 41 12.69 7.18 -1.63
N ASP A 42 11.63 7.95 -1.87
CA ASP A 42 11.43 9.20 -1.14
C ASP A 42 10.81 8.94 0.22
N GLY A 43 10.53 7.66 0.50
CA GLY A 43 9.94 7.29 1.78
C GLY A 43 8.42 7.45 1.75
N TYR A 44 7.91 7.89 0.60
CA TYR A 44 6.47 8.08 0.44
C TYR A 44 6.07 7.92 -1.02
N ILE A 45 4.96 7.22 -1.25
CA ILE A 45 4.46 7.00 -2.61
C ILE A 45 3.23 7.86 -2.86
N GLY A 46 2.94 8.11 -4.13
CA GLY A 46 1.78 8.92 -4.51
C GLY A 46 0.53 8.06 -4.57
N TYR A 47 -0.59 8.61 -4.09
CA TYR A 47 -1.85 7.89 -4.10
C TYR A 47 -2.30 7.62 -5.54
N ARG A 48 -1.67 6.66 -6.18
CA ARG A 48 -2.01 6.31 -7.55
C ARG A 48 -1.70 4.85 -7.83
N GLU A 49 -0.52 4.40 -7.38
CA GLU A 49 -0.11 3.01 -7.57
C GLU A 49 -0.40 2.19 -6.32
N LEU A 50 -0.98 2.83 -5.31
CA LEU A 50 -1.29 2.15 -4.07
C LEU A 50 -2.19 0.94 -4.33
N GLY A 51 -3.23 1.15 -5.12
CA GLY A 51 -4.15 0.06 -5.44
C GLY A 51 -3.48 -0.97 -6.35
N ASP A 52 -2.72 -0.48 -7.31
CA ASP A 52 -2.04 -1.35 -8.25
C ASP A 52 -1.02 -2.23 -7.52
N CYS A 53 -0.58 -1.77 -6.36
CA CYS A 53 0.39 -2.52 -5.57
C CYS A 53 -0.31 -3.53 -4.67
N MET A 54 -1.52 -3.19 -4.24
CA MET A 54 -2.28 -4.07 -3.36
C MET A 54 -2.63 -5.37 -4.09
N ARG A 55 -3.02 -5.25 -5.36
CA ARG A 55 -3.38 -6.41 -6.14
C ARG A 55 -2.13 -7.24 -6.48
N THR A 56 -0.98 -6.60 -6.39
CA THR A 56 0.28 -7.28 -6.69
C THR A 56 0.67 -8.21 -5.55
N LEU A 57 -0.14 -8.21 -4.49
CA LEU A 57 0.12 -9.05 -3.33
C LEU A 57 -0.59 -10.39 -3.46
N GLY A 58 -1.31 -10.55 -4.56
CA GLY A 58 -2.06 -11.79 -4.80
C GLY A 58 -3.48 -11.68 -4.29
N TYR A 59 -3.68 -10.81 -3.29
CA TYR A 59 -5.01 -10.62 -2.72
C TYR A 59 -5.76 -9.51 -3.47
N MET A 60 -6.96 -9.85 -3.96
CA MET A 60 -7.76 -8.89 -4.69
C MET A 60 -8.65 -8.09 -3.74
N PRO A 61 -8.63 -6.78 -3.84
CA PRO A 61 -9.45 -5.90 -2.98
C PRO A 61 -10.93 -5.94 -3.35
N THR A 62 -11.79 -5.84 -2.36
CA THR A 62 -13.23 -5.86 -2.60
C THR A 62 -13.61 -4.81 -3.65
N GLU A 63 -14.03 -3.65 -3.18
CA GLU A 63 -14.43 -2.57 -4.08
C GLU A 63 -14.72 -1.30 -3.31
N MET A 64 -15.60 -1.41 -2.31
CA MET A 64 -15.96 -0.26 -1.50
C MET A 64 -14.82 0.09 -0.53
N GLU A 65 -14.09 -0.93 -0.10
CA GLU A 65 -12.98 -0.71 0.83
C GLU A 65 -11.89 0.09 0.16
N LEU A 66 -11.57 -0.26 -1.08
CA LEU A 66 -10.53 0.43 -1.83
C LEU A 66 -10.88 1.90 -2.00
N LEU A 67 -12.15 2.16 -2.30
CA LEU A 67 -12.61 3.53 -2.50
C LEU A 67 -12.38 4.35 -1.23
N GLU A 68 -12.64 3.75 -0.08
CA GLU A 68 -12.46 4.44 1.19
C GLU A 68 -11.00 4.84 1.37
N VAL A 69 -10.10 3.95 0.96
CA VAL A 69 -8.68 4.22 1.09
C VAL A 69 -8.27 5.42 0.23
N SER A 70 -8.82 5.50 -0.97
CA SER A 70 -8.50 6.59 -1.88
C SER A 70 -8.85 7.93 -1.23
N GLN A 71 -9.80 7.91 -0.30
CA GLN A 71 -10.20 9.13 0.38
C GLN A 71 -9.21 9.48 1.50
N HIS A 72 -8.36 8.52 1.84
CA HIS A 72 -7.36 8.72 2.88
C HIS A 72 -6.48 9.93 2.54
N VAL A 73 -6.61 10.43 1.33
CA VAL A 73 -5.83 11.57 0.89
C VAL A 73 -6.19 12.81 1.68
N LYS A 74 -7.48 13.00 1.93
CA LYS A 74 -7.96 14.16 2.69
C LYS A 74 -7.09 15.38 2.42
N MET A 75 -6.63 15.50 1.17
CA MET A 75 -5.77 16.62 0.79
C MET A 75 -5.93 16.94 -0.69
N ARG A 76 -5.60 18.17 -1.07
CA ARG A 76 -5.72 18.59 -2.45
C ARG A 76 -4.82 17.74 -3.35
N MET A 77 -3.60 17.47 -2.87
CA MET A 77 -2.66 16.66 -3.64
C MET A 77 -2.53 15.27 -3.04
N GLY A 78 -1.93 14.35 -3.80
CA GLY A 78 -1.75 12.98 -3.33
C GLY A 78 -1.23 12.96 -1.90
N GLY A 79 -1.94 12.26 -1.03
CA GLY A 79 -1.53 12.15 0.38
C GLY A 79 -0.15 11.55 0.50
N PHE A 80 0.39 11.52 1.72
CA PHE A 80 1.71 10.96 1.95
C PHE A 80 1.62 9.79 2.93
N VAL A 81 2.17 8.64 2.53
CA VAL A 81 2.16 7.45 3.38
C VAL A 81 3.39 6.61 3.15
N ASP A 82 4.12 6.32 4.22
CA ASP A 82 5.32 5.51 4.14
C ASP A 82 4.96 4.02 4.08
N PHE A 83 5.97 3.18 3.89
CA PHE A 83 5.74 1.74 3.81
C PHE A 83 5.13 1.23 5.12
N GLU A 84 5.38 1.96 6.20
CA GLU A 84 4.85 1.56 7.50
C GLU A 84 3.44 2.10 7.69
N GLU A 85 3.10 3.12 6.92
CA GLU A 85 1.77 3.73 7.01
C GLU A 85 0.76 2.94 6.17
N PHE A 86 1.21 2.48 5.01
CA PHE A 86 0.34 1.72 4.13
C PHE A 86 0.15 0.29 4.67
N VAL A 87 1.21 -0.26 5.23
CA VAL A 87 1.16 -1.62 5.75
C VAL A 87 0.30 -1.68 7.01
N GLU A 88 0.61 -0.82 7.97
CA GLU A 88 -0.13 -0.79 9.23
C GLU A 88 -1.62 -0.55 8.97
N LEU A 89 -1.93 -0.07 7.77
CA LEU A 89 -3.31 0.19 7.42
C LEU A 89 -4.07 -1.10 7.12
N ILE A 90 -3.52 -1.89 6.19
CA ILE A 90 -4.15 -3.16 5.82
C ILE A 90 -3.98 -4.18 6.95
N SER A 91 -2.86 -4.09 7.66
CA SER A 91 -2.59 -5.02 8.75
C SER A 91 -1.44 -4.51 9.61
CA CA B . 9.83 6.94 -2.76
N ARG A 20 3.73 -22.87 10.71
CA ARG A 20 4.93 -22.22 10.13
C ARG A 20 4.61 -21.70 8.73
N GLU A 21 3.35 -21.85 8.32
CA GLU A 21 2.93 -21.41 6.99
C GLU A 21 3.02 -19.90 6.90
N LEU A 22 2.67 -19.21 7.98
CA LEU A 22 2.71 -17.76 8.01
C LEU A 22 3.81 -17.26 8.93
N GLY A 23 4.70 -16.43 8.40
CA GLY A 23 5.80 -15.88 9.18
C GLY A 23 6.28 -14.57 8.61
N PRO A 24 7.43 -14.12 9.01
CA PRO A 24 8.03 -12.84 8.52
C PRO A 24 8.17 -12.82 7.00
N GLU A 25 8.22 -14.00 6.40
CA GLU A 25 8.37 -14.11 4.96
C GLU A 25 7.45 -13.13 4.25
N GLU A 26 6.16 -13.25 4.52
CA GLU A 26 5.18 -12.36 3.90
C GLU A 26 5.57 -10.92 4.17
N LEU A 27 5.97 -10.62 5.39
CA LEU A 27 6.36 -9.28 5.74
C LEU A 27 7.48 -8.81 4.84
N GLU A 28 8.46 -9.67 4.65
CA GLU A 28 9.60 -9.34 3.81
C GLU A 28 9.15 -9.16 2.36
N GLU A 29 8.17 -9.97 1.96
CA GLU A 29 7.65 -9.90 0.59
C GLU A 29 7.04 -8.52 0.34
N LEU A 30 6.40 -7.97 1.36
CA LEU A 30 5.77 -6.66 1.24
C LEU A 30 6.81 -5.60 0.96
N GLN A 31 7.94 -5.68 1.65
CA GLN A 31 9.01 -4.72 1.46
C GLN A 31 9.56 -4.81 0.04
N ALA A 32 9.71 -6.03 -0.46
CA ALA A 32 10.22 -6.24 -1.81
C ALA A 32 9.29 -5.58 -2.83
N ALA A 33 7.99 -5.66 -2.56
CA ALA A 33 7.01 -5.07 -3.46
C ALA A 33 7.14 -3.55 -3.48
N PHE A 34 7.33 -2.97 -2.31
CA PHE A 34 7.48 -1.52 -2.21
C PHE A 34 8.67 -1.05 -3.02
N GLU A 35 9.62 -1.95 -3.24
CA GLU A 35 10.81 -1.61 -4.02
C GLU A 35 10.45 -1.35 -5.47
N GLU A 36 9.52 -2.13 -5.99
CA GLU A 36 9.08 -1.97 -7.38
C GLU A 36 8.18 -0.75 -7.51
N PHE A 37 7.27 -0.59 -6.56
CA PHE A 37 6.36 0.54 -6.56
C PHE A 37 7.11 1.84 -6.30
N ASP A 38 8.12 1.76 -5.43
CA ASP A 38 8.91 2.94 -5.09
C ASP A 38 10.09 3.09 -6.05
N THR A 39 9.80 3.55 -7.27
CA THR A 39 10.84 3.74 -8.27
C THR A 39 11.73 4.92 -7.93
N ASP A 40 11.12 5.95 -7.38
CA ASP A 40 11.86 7.17 -7.00
C ASP A 40 12.58 6.96 -5.68
N GLN A 41 12.40 5.79 -5.08
CA GLN A 41 13.04 5.48 -3.81
C GLN A 41 12.98 6.68 -2.87
N ASP A 42 11.90 7.46 -2.98
CA ASP A 42 11.72 8.63 -2.15
C ASP A 42 11.15 8.23 -0.78
N GLY A 43 10.85 6.95 -0.63
CA GLY A 43 10.30 6.45 0.62
C GLY A 43 8.80 6.72 0.71
N TYR A 44 8.23 7.21 -0.38
CA TYR A 44 6.80 7.51 -0.43
C TYR A 44 6.22 7.17 -1.78
N ILE A 45 4.94 6.80 -1.81
CA ILE A 45 4.26 6.45 -3.05
C ILE A 45 2.93 7.19 -3.15
N GLY A 46 2.42 7.31 -4.38
CA GLY A 46 1.15 7.98 -4.60
C GLY A 46 -0.02 7.09 -4.23
N TYR A 47 -0.92 7.61 -3.39
CA TYR A 47 -2.08 6.84 -2.96
C TYR A 47 -2.72 6.13 -4.16
N ARG A 48 -2.50 6.68 -5.35
CA ARG A 48 -3.07 6.09 -6.55
C ARG A 48 -2.49 4.70 -6.78
N GLU A 49 -1.19 4.55 -6.55
CA GLU A 49 -0.55 3.26 -6.73
C GLU A 49 -0.67 2.41 -5.48
N LEU A 50 -0.99 3.06 -4.37
CA LEU A 50 -1.13 2.34 -3.10
C LEU A 50 -2.23 1.30 -3.20
N GLY A 51 -3.37 1.70 -3.78
CA GLY A 51 -4.50 0.78 -3.92
C GLY A 51 -4.12 -0.42 -4.78
N ASP A 52 -3.50 -0.14 -5.92
CA ASP A 52 -3.09 -1.20 -6.84
C ASP A 52 -2.12 -2.15 -6.14
N CYS A 53 -1.20 -1.59 -5.37
CA CYS A 53 -0.22 -2.40 -4.64
C CYS A 53 -0.92 -3.39 -3.72
N MET A 54 -1.98 -2.93 -3.07
CA MET A 54 -2.73 -3.79 -2.15
C MET A 54 -3.36 -4.95 -2.91
N ARG A 55 -3.93 -4.66 -4.08
CA ARG A 55 -4.56 -5.69 -4.91
C ARG A 55 -3.51 -6.69 -5.40
N THR A 56 -2.32 -6.19 -5.70
CA THR A 56 -1.25 -7.04 -6.18
C THR A 56 -0.95 -8.16 -5.19
N LEU A 57 -1.65 -8.13 -4.08
CA LEU A 57 -1.47 -9.15 -3.04
C LEU A 57 -2.64 -9.17 -2.08
N GLY A 58 -3.81 -8.79 -2.58
CA GLY A 58 -5.02 -8.77 -1.77
C GLY A 58 -6.14 -8.01 -2.46
N TYR A 59 -6.91 -8.73 -3.28
CA TYR A 59 -8.03 -8.12 -4.00
C TYR A 59 -9.33 -8.29 -3.21
N MET A 60 -9.21 -8.65 -1.96
CA MET A 60 -10.38 -8.83 -1.10
C MET A 60 -11.37 -7.70 -1.31
N PRO A 61 -10.97 -6.49 -1.01
CA PRO A 61 -11.85 -5.29 -1.14
C PRO A 61 -12.37 -5.13 -2.57
N THR A 62 -13.61 -4.67 -2.68
CA THR A 62 -14.22 -4.47 -3.99
C THR A 62 -13.88 -3.09 -4.53
N GLU A 63 -14.20 -2.86 -5.80
CA GLU A 63 -13.93 -1.58 -6.44
C GLU A 63 -14.55 -0.45 -5.65
N MET A 64 -15.79 -0.64 -5.21
CA MET A 64 -16.48 0.39 -4.44
C MET A 64 -15.76 0.68 -3.13
N GLU A 65 -15.15 -0.35 -2.55
CA GLU A 65 -14.43 -0.19 -1.30
C GLU A 65 -13.14 0.60 -1.53
N LEU A 66 -12.55 0.43 -2.70
CA LEU A 66 -11.32 1.13 -3.03
C LEU A 66 -11.52 2.64 -2.97
N LEU A 67 -12.67 3.09 -3.44
CA LEU A 67 -12.98 4.52 -3.42
C LEU A 67 -13.03 5.04 -1.99
N GLU A 68 -13.58 4.23 -1.09
CA GLU A 68 -13.69 4.62 0.29
C GLU A 68 -12.30 4.83 0.90
N VAL A 69 -11.39 3.91 0.60
CA VAL A 69 -10.02 3.99 1.13
C VAL A 69 -9.28 5.16 0.49
N SER A 70 -9.67 5.50 -0.73
CA SER A 70 -9.02 6.59 -1.45
C SER A 70 -9.19 7.91 -0.68
N GLN A 71 -10.21 7.95 0.18
CA GLN A 71 -10.45 9.16 0.97
C GLN A 71 -9.53 9.20 2.18
N HIS A 72 -8.85 8.09 2.44
CA HIS A 72 -7.93 8.02 3.57
C HIS A 72 -6.91 9.16 3.51
N VAL A 73 -6.86 9.84 2.37
CA VAL A 73 -5.94 10.95 2.20
C VAL A 73 -6.37 12.14 3.03
N LYS A 74 -7.67 12.23 3.31
CA LYS A 74 -8.20 13.33 4.10
C LYS A 74 -8.09 14.64 3.33
N MET A 75 -6.94 14.85 2.69
CA MET A 75 -6.72 16.08 1.92
C MET A 75 -7.47 16.03 0.60
N ARG A 76 -6.74 15.83 -0.49
CA ARG A 76 -7.35 15.77 -1.81
C ARG A 76 -6.43 15.07 -2.80
N MET A 77 -6.43 13.75 -2.79
CA MET A 77 -5.59 12.97 -3.70
C MET A 77 -4.20 13.58 -3.77
N GLY A 78 -3.32 13.18 -2.85
CA GLY A 78 -1.96 13.69 -2.83
C GLY A 78 -1.30 13.38 -1.49
N GLY A 79 -1.99 12.63 -0.65
CA GLY A 79 -1.45 12.27 0.66
C GLY A 79 -0.12 11.54 0.52
N PHE A 80 0.62 11.42 1.63
CA PHE A 80 1.92 10.75 1.61
C PHE A 80 1.96 9.67 2.68
N VAL A 81 2.54 8.53 2.34
CA VAL A 81 2.66 7.42 3.29
C VAL A 81 3.88 6.56 2.98
N ASP A 82 4.68 6.28 4.00
CA ASP A 82 5.87 5.46 3.83
C ASP A 82 5.50 3.99 3.89
N PHE A 83 6.50 3.13 3.81
CA PHE A 83 6.27 1.69 3.84
C PHE A 83 5.56 1.29 5.12
N GLU A 84 6.00 1.85 6.25
CA GLU A 84 5.40 1.53 7.53
C GLU A 84 3.95 1.98 7.57
N GLU A 85 3.66 3.11 6.94
CA GLU A 85 2.30 3.64 6.91
C GLU A 85 1.43 2.80 5.97
N PHE A 86 1.99 2.42 4.84
CA PHE A 86 1.26 1.60 3.88
C PHE A 86 0.86 0.28 4.52
N VAL A 87 1.82 -0.37 5.17
CA VAL A 87 1.55 -1.66 5.81
C VAL A 87 0.53 -1.50 6.91
N GLU A 88 0.69 -0.46 7.72
CA GLU A 88 -0.20 -0.22 8.84
C GLU A 88 -1.64 -0.49 8.43
N LEU A 89 -2.01 -0.04 7.23
CA LEU A 89 -3.36 -0.24 6.75
C LEU A 89 -3.69 -1.73 6.64
N ILE A 90 -2.76 -2.49 6.08
CA ILE A 90 -2.96 -3.93 5.92
C ILE A 90 -2.87 -4.63 7.28
N SER A 91 -2.16 -4.00 8.21
CA SER A 91 -2.00 -4.57 9.54
C SER A 91 -3.30 -4.46 10.33
CA CA B . 10.40 6.15 -2.78
#